data_9KA8
#
_entry.id   9KA8
#
_cell.length_a   189.784
_cell.length_b   189.784
_cell.length_c   153.879
_cell.angle_alpha   90.000
_cell.angle_beta   90.000
_cell.angle_gamma   120.000
#
_symmetry.space_group_name_H-M   'H 3'
#
loop_
_entity.id
_entity.type
_entity.pdbx_description
1 polymer 'Formate dehydrogenase'
2 polymer Allophycocyanin
3 non-polymer PHYCOCYANOBILIN
4 water water
#
loop_
_entity_poly.entity_id
_entity_poly.type
_entity_poly.pdbx_seq_one_letter_code
_entity_poly.pdbx_strand_id
1 'polypeptide(L)'
;MKIVLVLYDAGKHAADEEKLYGCTENKLGIANWLKDQGHELITTSDKEGGNSVLDQHIPDADIIITTPFHPAYITKERID
KAKKLKLVVVAGVGSDHIDLDYINQTGKKISVLEVTGSNVVSVAEHVLMTMLVLVRNFVPAHEQIINHDWEVAAIAKDAY
DIEGKTIATIGAGRIGYRVLERLVPFNPKELLYYDYQALPKDAEEKVGARRVENIEELVAQADIVTINAPLHAGTKGLIN
KELLSKFKKGPWLVNPARGAICVAEDVAAALESGQLRGYGGDVWFPQPAPKDHPWRDMRNKYGAGNAMTPHYSGTTLDAQ
TRYAEGTKNILESFFTGKFDYRPQDIILLNGEYVT
;
B,A
2 'polypeptide(L)'
;SIVTKSIVNADAEARYLSPGELDRIKAFVTSGESRLRIAETLTGSRERIIKSAGDALFQKRPDVVSPGGNAYGEEMTATC
LRDMDYYLRLITYGVVAGDVTPIEEIGLVGVREMYKSLGTPVDAVAQAVREMKAVATGMMSGDDAAEAGAYFDYVIGAME
;
F,C
#
loop_
_chem_comp.id
_chem_comp.type
_chem_comp.name
_chem_comp.formula
CYC non-polymer PHYCOCYANOBILIN 'C33 H40 N4 O6'
#
# COMPACT_ATOMS: atom_id res chain seq x y z
N MET A 1 9.18 0.23 -42.40
CA MET A 1 10.57 0.42 -42.76
C MET A 1 11.39 0.97 -41.60
N LYS A 2 10.74 1.51 -40.56
CA LYS A 2 11.43 1.89 -39.32
C LYS A 2 11.07 0.88 -38.22
N ILE A 3 12.10 0.33 -37.58
CA ILE A 3 11.96 -0.81 -36.67
C ILE A 3 12.68 -0.50 -35.38
N VAL A 4 11.99 -0.70 -34.26
CA VAL A 4 12.59 -0.61 -32.94
C VAL A 4 12.55 -1.99 -32.30
N LEU A 5 13.70 -2.47 -31.83
CA LEU A 5 13.72 -3.70 -31.03
C LEU A 5 14.48 -3.46 -29.74
N VAL A 6 13.93 -3.99 -28.65
CA VAL A 6 14.53 -3.81 -27.34
C VAL A 6 14.90 -5.19 -26.78
N LEU A 7 16.14 -5.30 -26.32
CA LEU A 7 16.77 -6.51 -25.81
C LEU A 7 17.63 -6.11 -24.61
N TYR A 8 18.12 -7.08 -23.85
CA TYR A 8 19.01 -6.67 -22.79
C TYR A 8 20.43 -6.44 -23.34
N ASP A 9 21.23 -5.70 -22.56
CA ASP A 9 22.66 -5.61 -22.79
C ASP A 9 23.34 -6.82 -22.15
N ALA A 10 24.13 -7.54 -22.92
CA ALA A 10 24.87 -8.70 -22.44
C ALA A 10 26.31 -8.38 -22.08
N GLY A 11 26.81 -7.19 -22.46
CA GLY A 11 28.15 -6.81 -22.06
C GLY A 11 29.21 -7.67 -22.72
N LYS A 12 30.23 -8.05 -21.92
CA LYS A 12 31.33 -8.84 -22.44
C LYS A 12 30.91 -10.25 -22.87
N HIS A 13 29.77 -10.74 -22.37
CA HIS A 13 29.37 -12.11 -22.69
C HIS A 13 29.01 -12.26 -24.16
N ALA A 14 28.55 -11.17 -24.80
CA ALA A 14 28.13 -11.25 -26.19
C ALA A 14 29.29 -11.59 -27.13
N ALA A 15 30.51 -11.14 -26.82
CA ALA A 15 31.66 -11.48 -27.64
C ALA A 15 32.17 -12.90 -27.37
N ASP A 16 31.87 -13.47 -26.21
CA ASP A 16 32.27 -14.85 -25.92
C ASP A 16 31.48 -15.86 -26.74
N GLU A 17 30.25 -15.53 -27.18
CA GLU A 17 29.36 -16.54 -27.76
C GLU A 17 28.51 -15.94 -28.88
N GLU A 18 28.83 -16.34 -30.12
CA GLU A 18 28.14 -15.84 -31.30
C GLU A 18 26.66 -16.22 -31.34
N LYS A 19 26.29 -17.39 -30.80
CA LYS A 19 24.90 -17.82 -30.88
C LYS A 19 24.01 -17.20 -29.79
N LEU A 20 24.54 -16.27 -28.99
CA LEU A 20 23.73 -15.52 -28.02
C LEU A 20 23.01 -14.39 -28.76
N TYR A 21 21.97 -14.77 -29.50
CA TYR A 21 21.37 -13.84 -30.48
C TYR A 21 20.49 -12.79 -29.82
N GLY A 22 19.79 -13.14 -28.73
CA GLY A 22 18.84 -12.22 -28.14
C GLY A 22 19.43 -11.18 -27.21
N CYS A 23 20.34 -10.35 -27.74
CA CYS A 23 20.95 -9.27 -26.97
C CYS A 23 21.26 -8.10 -27.89
N THR A 24 21.58 -6.96 -27.25
CA THR A 24 21.78 -5.69 -27.94
C THR A 24 22.96 -5.75 -28.90
N GLU A 25 24.04 -6.45 -28.53
CA GLU A 25 25.24 -6.50 -29.34
C GLU A 25 25.05 -7.34 -30.61
N ASN A 26 24.25 -8.41 -30.55
CA ASN A 26 24.15 -9.36 -31.65
C ASN A 26 22.86 -9.27 -32.47
N LYS A 27 21.82 -8.57 -31.97
CA LYS A 27 20.68 -8.10 -32.78
C LYS A 27 19.93 -9.22 -33.50
N LEU A 28 19.73 -10.34 -32.81
CA LEU A 28 18.98 -11.49 -33.35
C LEU A 28 19.55 -12.01 -34.68
N GLY A 29 20.79 -11.64 -35.02
CA GLY A 29 21.43 -12.10 -36.24
C GLY A 29 20.83 -11.62 -37.54
N ILE A 30 20.03 -10.56 -37.53
CA ILE A 30 19.32 -10.09 -38.71
C ILE A 30 19.70 -8.68 -39.11
N ALA A 31 20.59 -8.03 -38.36
CA ALA A 31 21.23 -6.85 -38.89
C ALA A 31 22.21 -7.29 -39.98
N ASN A 32 22.27 -6.50 -41.05
CA ASN A 32 22.91 -6.79 -42.34
C ASN A 32 21.77 -7.14 -43.28
N TRP A 33 20.94 -8.13 -42.94
CA TRP A 33 19.79 -8.42 -43.78
C TRP A 33 18.83 -7.24 -43.83
N LEU A 34 18.54 -6.63 -42.67
CA LEU A 34 17.64 -5.49 -42.63
C LEU A 34 18.26 -4.26 -43.30
N LYS A 35 19.56 -4.01 -43.04
CA LYS A 35 20.29 -2.95 -43.74
C LYS A 35 20.37 -3.18 -45.25
N ASP A 36 20.50 -4.43 -45.70
CA ASP A 36 20.55 -4.68 -47.15
C ASP A 36 19.22 -4.36 -47.81
N GLN A 37 18.10 -4.60 -47.13
CA GLN A 37 16.83 -4.01 -47.55
C GLN A 37 16.85 -2.52 -47.17
N GLY A 38 15.79 -1.80 -47.46
CA GLY A 38 15.90 -0.38 -47.21
C GLY A 38 15.46 0.12 -45.83
N HIS A 39 15.68 -0.66 -44.77
CA HIS A 39 15.05 -0.40 -43.48
C HIS A 39 16.03 0.18 -42.47
N GLU A 40 15.48 1.01 -41.56
CA GLU A 40 16.22 1.60 -40.45
C GLU A 40 15.97 0.80 -39.17
N LEU A 41 17.03 0.57 -38.40
CA LEU A 41 16.96 -0.31 -37.24
C LEU A 41 17.46 0.41 -35.99
N ILE A 42 16.57 0.64 -35.03
CA ILE A 42 16.94 1.15 -33.71
C ILE A 42 17.01 -0.02 -32.74
N THR A 43 18.13 -0.13 -32.01
CA THR A 43 18.34 -1.21 -31.04
C THR A 43 18.69 -0.58 -29.70
N THR A 44 17.92 -0.91 -28.65
CA THR A 44 18.19 -0.29 -27.35
C THR A 44 17.68 -1.17 -26.23
N SER A 45 18.33 -1.02 -25.06
CA SER A 45 17.87 -1.67 -23.83
C SER A 45 17.16 -0.71 -22.89
N ASP A 46 16.95 0.54 -23.32
CA ASP A 46 16.50 1.63 -22.44
C ASP A 46 15.00 1.86 -22.66
N LYS A 47 14.19 1.28 -21.77
CA LYS A 47 12.74 1.17 -21.97
C LYS A 47 11.89 1.72 -20.83
N GLU A 48 12.48 2.08 -19.69
CA GLU A 48 11.75 2.57 -18.54
C GLU A 48 11.94 4.08 -18.37
N GLY A 49 10.86 4.75 -17.98
CA GLY A 49 10.89 6.19 -17.77
C GLY A 49 10.48 6.94 -19.03
N GLY A 50 9.71 8.02 -18.90
CA GLY A 50 9.21 8.77 -20.05
C GLY A 50 10.27 9.49 -20.86
N ASN A 51 11.52 9.46 -20.41
CA ASN A 51 12.67 10.05 -21.09
C ASN A 51 13.49 9.00 -21.84
N SER A 52 12.84 7.99 -22.41
CA SER A 52 13.53 6.80 -22.86
C SER A 52 13.68 6.77 -24.38
N VAL A 53 14.75 6.09 -24.83
CA VAL A 53 14.99 5.86 -26.26
C VAL A 53 13.78 5.20 -26.89
N LEU A 54 13.18 4.24 -26.18
CA LEU A 54 11.96 3.62 -26.68
C LEU A 54 10.89 4.67 -26.95
N ASP A 55 10.59 5.48 -25.92
CA ASP A 55 9.58 6.54 -26.09
C ASP A 55 10.04 7.57 -27.11
N GLN A 56 11.34 7.84 -27.19
CA GLN A 56 11.87 8.74 -28.22
C GLN A 56 11.41 8.36 -29.62
N HIS A 57 11.27 7.06 -29.91
CA HIS A 57 10.97 6.63 -31.28
C HIS A 57 9.59 6.01 -31.46
N ILE A 58 8.85 5.76 -30.37
CA ILE A 58 7.49 5.22 -30.51
C ILE A 58 6.61 6.04 -31.45
N PRO A 59 6.58 7.38 -31.39
CA PRO A 59 5.66 8.13 -32.28
C PRO A 59 5.87 7.83 -33.75
N ASP A 60 7.05 7.34 -34.12
CA ASP A 60 7.45 7.20 -35.51
C ASP A 60 7.51 5.75 -36.00
N ALA A 61 7.62 4.78 -35.10
CA ALA A 61 7.99 3.43 -35.49
C ALA A 61 6.88 2.72 -36.27
N ASP A 62 7.28 1.95 -37.29
CA ASP A 62 6.36 1.06 -38.00
C ASP A 62 6.23 -0.31 -37.37
N ILE A 63 7.30 -0.81 -36.74
CA ILE A 63 7.35 -2.16 -36.19
C ILE A 63 8.10 -2.11 -34.87
N ILE A 64 7.64 -2.88 -33.89
CA ILE A 64 8.39 -3.04 -32.65
C ILE A 64 8.57 -4.53 -32.38
N ILE A 65 9.78 -4.90 -31.97
CA ILE A 65 10.14 -6.29 -31.70
C ILE A 65 10.54 -6.38 -30.23
N THR A 66 9.95 -7.34 -29.51
CA THR A 66 10.16 -7.45 -28.07
C THR A 66 10.63 -8.86 -27.71
N THR A 67 11.18 -9.01 -26.49
CA THR A 67 11.55 -10.29 -25.91
C THR A 67 10.97 -10.47 -24.51
N PRO A 68 10.49 -11.68 -24.17
CA PRO A 68 9.99 -11.90 -22.81
C PRO A 68 11.08 -11.94 -21.74
N PHE A 69 12.35 -11.91 -22.10
CA PHE A 69 13.41 -11.88 -21.10
C PHE A 69 13.89 -10.47 -20.77
N HIS A 70 13.28 -9.43 -21.38
CA HIS A 70 13.54 -8.02 -21.10
C HIS A 70 12.40 -7.24 -21.74
N PRO A 71 11.17 -7.38 -21.24
CA PRO A 71 10.00 -6.95 -22.03
C PRO A 71 9.77 -5.45 -22.03
N ALA A 72 9.52 -4.91 -23.21
CA ALA A 72 8.98 -3.56 -23.35
C ALA A 72 7.47 -3.62 -23.18
N TYR A 73 6.94 -2.92 -22.17
CA TYR A 73 5.52 -2.95 -21.86
C TYR A 73 4.78 -2.05 -22.83
N ILE A 74 3.94 -2.65 -23.67
CA ILE A 74 3.25 -1.94 -24.76
C ILE A 74 1.90 -1.52 -24.20
N THR A 75 1.90 -0.41 -23.46
CA THR A 75 0.71 0.11 -22.79
C THR A 75 -0.22 0.86 -23.74
N LYS A 76 -1.47 1.03 -23.32
CA LYS A 76 -2.44 1.78 -24.12
C LYS A 76 -1.97 3.21 -24.35
N GLU A 77 -1.32 3.81 -23.35
CA GLU A 77 -0.74 5.14 -23.51
C GLU A 77 0.23 5.16 -24.68
N ARG A 78 1.20 4.24 -24.68
CA ARG A 78 2.14 4.15 -25.78
C ARG A 78 1.43 3.81 -27.09
N ILE A 79 0.39 2.97 -27.03
CA ILE A 79 -0.33 2.62 -28.25
C ILE A 79 -0.99 3.85 -28.87
N ASP A 80 -1.45 4.78 -28.04
CA ASP A 80 -2.09 5.98 -28.55
C ASP A 80 -1.07 6.91 -29.22
N LYS A 81 0.14 7.00 -28.67
CA LYS A 81 1.19 7.82 -29.24
C LYS A 81 1.84 7.21 -30.48
N ALA A 82 1.64 5.91 -30.74
CA ALA A 82 2.35 5.21 -31.81
C ALA A 82 1.57 5.38 -33.11
N LYS A 83 1.78 6.55 -33.74
CA LYS A 83 0.94 6.94 -34.86
C LYS A 83 1.12 6.04 -36.09
N LYS A 84 2.27 5.39 -36.26
CA LYS A 84 2.52 4.61 -37.48
C LYS A 84 2.62 3.11 -37.22
N LEU A 85 2.45 2.66 -35.97
CA LEU A 85 2.69 1.27 -35.61
C LEU A 85 1.73 0.32 -36.31
N LYS A 86 2.27 -0.75 -36.93
CA LYS A 86 1.47 -1.73 -37.64
C LYS A 86 1.75 -3.19 -37.28
N LEU A 87 2.78 -3.48 -36.49
CA LEU A 87 3.16 -4.87 -36.24
C LEU A 87 4.01 -4.94 -34.97
N VAL A 88 3.63 -5.83 -34.06
CA VAL A 88 4.40 -6.14 -32.85
C VAL A 88 4.78 -7.61 -32.90
N VAL A 89 6.07 -7.90 -32.72
CA VAL A 89 6.61 -9.25 -32.76
C VAL A 89 7.19 -9.60 -31.40
N VAL A 90 6.95 -10.83 -30.94
CA VAL A 90 7.63 -11.39 -29.77
C VAL A 90 8.68 -12.39 -30.27
N ALA A 91 9.95 -12.12 -29.96
CA ALA A 91 11.02 -13.03 -30.39
C ALA A 91 11.19 -14.13 -29.34
N GLY A 92 10.22 -15.04 -29.35
CA GLY A 92 9.99 -15.97 -28.26
C GLY A 92 8.50 -16.23 -28.12
N VAL A 93 8.07 -16.62 -26.91
CA VAL A 93 6.67 -16.92 -26.62
C VAL A 93 6.28 -16.24 -25.30
N GLY A 94 5.11 -15.60 -25.28
CA GLY A 94 4.68 -14.88 -24.09
C GLY A 94 4.35 -13.43 -24.38
N SER A 95 3.08 -13.05 -24.21
CA SER A 95 2.60 -11.75 -24.61
C SER A 95 1.91 -10.99 -23.47
N ASP A 96 2.21 -11.32 -22.21
CA ASP A 96 1.59 -10.64 -21.08
C ASP A 96 1.90 -9.15 -21.05
N HIS A 97 3.04 -8.74 -21.61
CA HIS A 97 3.48 -7.35 -21.57
C HIS A 97 2.81 -6.46 -22.64
N ILE A 98 1.83 -6.97 -23.38
CA ILE A 98 1.15 -6.25 -24.47
C ILE A 98 -0.34 -6.16 -24.16
N ASP A 99 -0.95 -4.99 -24.39
CA ASP A 99 -2.37 -4.78 -24.06
C ASP A 99 -3.26 -5.22 -25.22
N LEU A 100 -3.41 -6.54 -25.35
CA LEU A 100 -4.17 -7.11 -26.46
C LEU A 100 -5.64 -6.72 -26.39
N ASP A 101 -6.22 -6.69 -25.18
CA ASP A 101 -7.62 -6.30 -25.03
C ASP A 101 -7.87 -4.90 -25.58
N TYR A 102 -7.00 -3.94 -25.22
CA TYR A 102 -7.16 -2.58 -25.72
C TYR A 102 -7.11 -2.53 -27.24
N ILE A 103 -6.11 -3.19 -27.84
CA ILE A 103 -6.03 -3.22 -29.29
C ILE A 103 -7.29 -3.83 -29.89
N ASN A 104 -7.77 -4.93 -29.29
CA ASN A 104 -8.91 -5.64 -29.88
C ASN A 104 -10.20 -4.84 -29.74
N GLN A 105 -10.51 -4.37 -28.52
CA GLN A 105 -11.80 -3.70 -28.31
C GLN A 105 -11.87 -2.38 -29.08
N THR A 106 -10.75 -1.63 -29.10
CA THR A 106 -10.70 -0.37 -29.85
C THR A 106 -10.75 -0.61 -31.35
N GLY A 107 -10.32 -1.78 -31.81
CA GLY A 107 -10.30 -2.09 -33.22
C GLY A 107 -9.13 -1.50 -33.99
N LYS A 108 -8.01 -1.22 -33.33
CA LYS A 108 -6.82 -0.75 -34.03
C LYS A 108 -6.34 -1.80 -35.05
N LYS A 109 -5.68 -1.34 -36.10
CA LYS A 109 -5.21 -2.23 -37.17
C LYS A 109 -3.76 -2.64 -36.96
N ILE A 110 -3.48 -3.18 -35.78
CA ILE A 110 -2.15 -3.68 -35.41
C ILE A 110 -2.23 -5.19 -35.28
N SER A 111 -1.36 -5.91 -35.98
CA SER A 111 -1.29 -7.35 -35.78
C SER A 111 -0.13 -7.70 -34.85
N VAL A 112 -0.25 -8.84 -34.18
CA VAL A 112 0.66 -9.26 -33.11
C VAL A 112 1.00 -10.73 -33.33
N LEU A 113 2.29 -11.05 -33.35
CA LEU A 113 2.75 -12.40 -33.66
C LEU A 113 3.85 -12.83 -32.71
N GLU A 114 3.92 -14.14 -32.45
CA GLU A 114 5.00 -14.76 -31.69
C GLU A 114 5.44 -16.03 -32.42
N VAL A 115 6.58 -16.60 -32.01
CA VAL A 115 7.07 -17.80 -32.70
C VAL A 115 6.73 -19.02 -31.86
N THR A 116 5.51 -19.53 -32.01
CA THR A 116 5.02 -20.54 -31.06
C THR A 116 5.63 -21.90 -31.34
N GLY A 117 5.89 -22.65 -30.27
CA GLY A 117 6.59 -23.91 -30.33
C GLY A 117 8.07 -23.83 -29.98
N SER A 118 8.69 -22.65 -30.15
CA SER A 118 10.13 -22.52 -30.08
C SER A 118 10.70 -22.71 -28.68
N ASN A 119 9.86 -22.62 -27.63
CA ASN A 119 10.35 -22.68 -26.25
C ASN A 119 9.94 -23.93 -25.49
N VAL A 120 9.03 -24.76 -26.00
CA VAL A 120 8.31 -25.71 -25.15
C VAL A 120 9.23 -26.86 -24.71
N VAL A 121 10.14 -27.31 -25.59
CA VAL A 121 11.03 -28.41 -25.20
C VAL A 121 12.02 -27.95 -24.14
N SER A 122 12.60 -26.75 -24.28
CA SER A 122 13.55 -26.26 -23.29
C SER A 122 12.93 -26.15 -21.89
N VAL A 123 11.70 -25.64 -21.79
CA VAL A 123 11.05 -25.52 -20.47
C VAL A 123 10.74 -26.90 -19.89
N ALA A 124 10.23 -27.83 -20.71
CA ALA A 124 9.92 -29.18 -20.22
C ALA A 124 11.15 -29.89 -19.68
N GLU A 125 12.31 -29.77 -20.36
CA GLU A 125 13.56 -30.35 -19.84
C GLU A 125 13.93 -29.74 -18.49
N HIS A 126 13.73 -28.43 -18.33
CA HIS A 126 14.05 -27.77 -17.07
C HIS A 126 13.17 -28.28 -15.92
N VAL A 127 11.90 -28.62 -16.21
CA VAL A 127 11.05 -29.23 -15.19
C VAL A 127 11.57 -30.59 -14.76
N LEU A 128 11.91 -31.45 -15.73
CA LEU A 128 12.46 -32.77 -15.41
C LEU A 128 13.74 -32.65 -14.57
N MET A 129 14.65 -31.76 -14.96
CA MET A 129 15.88 -31.53 -14.21
C MET A 129 15.61 -31.09 -12.77
N THR A 130 14.70 -30.14 -12.57
CA THR A 130 14.43 -29.66 -11.20
C THR A 130 13.79 -30.75 -10.32
N MET A 131 12.86 -31.55 -10.87
CA MET A 131 12.28 -32.64 -10.09
C MET A 131 13.35 -33.62 -9.60
N LEU A 132 14.26 -34.03 -10.48
CA LEU A 132 15.33 -34.95 -10.07
C LEU A 132 16.26 -34.33 -9.03
N VAL A 133 16.69 -33.08 -9.24
CA VAL A 133 17.59 -32.42 -8.29
C VAL A 133 16.98 -32.35 -6.88
N LEU A 134 15.69 -31.97 -6.77
CA LEU A 134 15.01 -31.90 -5.47
C LEU A 134 14.79 -33.28 -4.85
N VAL A 135 14.21 -34.21 -5.61
CA VAL A 135 13.85 -35.51 -5.05
C VAL A 135 15.09 -36.27 -4.58
N ARG A 136 16.19 -36.21 -5.35
CA ARG A 136 17.42 -36.95 -5.04
C ARG A 136 18.39 -36.17 -4.14
N ASN A 137 18.04 -34.93 -3.73
CA ASN A 137 18.81 -34.13 -2.75
C ASN A 137 20.20 -33.72 -3.30
N PHE A 138 20.27 -33.29 -4.57
CA PHE A 138 21.56 -33.00 -5.23
C PHE A 138 22.29 -31.78 -4.64
N VAL A 139 21.57 -30.68 -4.38
CA VAL A 139 22.23 -29.41 -4.06
C VAL A 139 23.14 -29.51 -2.84
N PRO A 140 22.70 -30.02 -1.68
CA PRO A 140 23.63 -30.15 -0.54
C PRO A 140 24.74 -31.16 -0.78
N ALA A 141 24.55 -32.10 -1.72
CA ALA A 141 25.58 -33.09 -2.00
C ALA A 141 26.76 -32.46 -2.74
N HIS A 142 26.47 -31.67 -3.78
CA HIS A 142 27.55 -30.97 -4.48
C HIS A 142 28.26 -29.97 -3.56
N GLU A 143 27.51 -29.36 -2.63
CA GLU A 143 28.09 -28.37 -1.73
C GLU A 143 29.15 -29.01 -0.82
N GLN A 144 28.87 -30.22 -0.31
CA GLN A 144 29.88 -30.92 0.50
C GLN A 144 31.22 -31.01 -0.23
N ILE A 145 31.18 -31.27 -1.55
CA ILE A 145 32.44 -31.50 -2.25
C ILE A 145 33.20 -30.20 -2.47
N ILE A 146 32.50 -29.16 -2.92
CA ILE A 146 33.08 -27.83 -3.11
C ILE A 146 33.73 -27.34 -1.82
N ASN A 147 33.14 -27.67 -0.68
CA ASN A 147 33.55 -27.18 0.63
C ASN A 147 34.52 -28.13 1.33
N HIS A 148 34.95 -29.21 0.66
CA HIS A 148 35.99 -30.13 1.10
C HIS A 148 35.55 -31.03 2.26
N ASP A 149 34.26 -31.39 2.29
CA ASP A 149 33.65 -32.31 3.26
C ASP A 149 33.36 -33.66 2.61
N TRP A 150 32.91 -34.61 3.46
CA TRP A 150 32.45 -35.92 2.99
C TRP A 150 31.68 -36.58 4.14
N GLU A 151 30.34 -36.59 4.03
CA GLU A 151 29.48 -37.14 5.10
C GLU A 151 28.20 -37.67 4.45
N VAL A 152 28.24 -38.94 4.04
CA VAL A 152 27.18 -39.51 3.21
C VAL A 152 25.84 -39.53 3.94
N ALA A 153 25.86 -39.92 5.22
CA ALA A 153 24.61 -40.03 6.00
C ALA A 153 23.81 -38.72 6.04
N ALA A 154 24.46 -37.57 5.96
CA ALA A 154 23.71 -36.32 6.00
C ALA A 154 22.97 -36.04 4.68
N ILE A 155 23.36 -36.70 3.58
CA ILE A 155 22.68 -36.56 2.30
C ILE A 155 21.61 -37.64 2.13
N ALA A 156 21.98 -38.88 2.43
CA ALA A 156 21.10 -40.01 2.20
C ALA A 156 19.81 -39.90 3.01
N LYS A 157 19.84 -39.21 4.16
CA LYS A 157 18.69 -39.22 5.04
C LYS A 157 17.49 -38.49 4.45
N ASP A 158 17.67 -37.69 3.38
CA ASP A 158 16.53 -37.02 2.74
C ASP A 158 16.54 -37.19 1.22
N ALA A 159 17.07 -38.31 0.72
CA ALA A 159 17.15 -38.60 -0.72
C ALA A 159 16.26 -39.79 -1.09
N TYR A 160 15.50 -39.64 -2.18
CA TYR A 160 14.52 -40.63 -2.67
C TYR A 160 14.74 -40.94 -4.15
N ASP A 161 14.11 -42.01 -4.65
CA ASP A 161 13.98 -42.24 -6.10
C ASP A 161 12.69 -41.60 -6.61
N ILE A 162 12.68 -41.21 -7.89
CA ILE A 162 11.44 -40.71 -8.47
C ILE A 162 10.51 -41.85 -8.88
N GLU A 163 11.06 -43.05 -9.11
CA GLU A 163 10.26 -44.23 -9.37
C GLU A 163 9.25 -44.43 -8.24
N GLY A 164 8.02 -44.74 -8.63
CA GLY A 164 6.98 -45.06 -7.66
C GLY A 164 6.27 -43.88 -7.03
N LYS A 165 6.55 -42.65 -7.45
CA LYS A 165 5.86 -41.48 -6.93
C LYS A 165 4.69 -41.12 -7.82
N THR A 166 3.68 -40.45 -7.23
CA THR A 166 2.54 -39.91 -7.97
C THR A 166 2.81 -38.45 -8.32
N ILE A 167 2.59 -38.10 -9.60
CA ILE A 167 3.04 -36.83 -10.16
C ILE A 167 1.87 -36.17 -10.89
N ALA A 168 1.60 -34.89 -10.58
CA ALA A 168 0.48 -34.14 -11.15
C ALA A 168 0.93 -32.83 -11.78
N THR A 169 0.36 -32.48 -12.93
CA THR A 169 0.58 -31.18 -13.57
C THR A 169 -0.69 -30.34 -13.53
N ILE A 170 -0.55 -29.08 -13.14
CA ILE A 170 -1.63 -28.09 -13.22
C ILE A 170 -1.45 -27.38 -14.56
N GLY A 171 -2.31 -27.73 -15.53
CA GLY A 171 -2.12 -27.30 -16.90
C GLY A 171 -1.55 -28.40 -17.79
N ALA A 172 -2.18 -28.65 -18.94
CA ALA A 172 -1.77 -29.71 -19.86
C ALA A 172 -1.77 -29.21 -21.30
N GLY A 173 -1.23 -28.01 -21.51
CA GLY A 173 -0.95 -27.50 -22.85
C GLY A 173 0.34 -28.06 -23.39
N ARG A 174 0.98 -27.30 -24.29
CA ARG A 174 2.18 -27.81 -24.97
C ARG A 174 3.30 -28.19 -23.99
N ILE A 175 3.53 -27.39 -22.94
CA ILE A 175 4.66 -27.69 -22.05
C ILE A 175 4.34 -28.83 -21.09
N GLY A 176 3.18 -28.76 -20.43
CA GLY A 176 2.79 -29.81 -19.51
C GLY A 176 2.65 -31.18 -20.18
N TYR A 177 2.16 -31.22 -21.41
CA TYR A 177 2.09 -32.52 -22.08
C TYR A 177 3.48 -33.09 -22.37
N ARG A 178 4.44 -32.22 -22.74
CA ARG A 178 5.79 -32.72 -22.96
C ARG A 178 6.50 -33.13 -21.68
N VAL A 179 6.13 -32.55 -20.53
CA VAL A 179 6.60 -33.06 -19.24
C VAL A 179 6.10 -34.48 -19.02
N LEU A 180 4.81 -34.73 -19.27
CA LEU A 180 4.26 -36.08 -19.10
C LEU A 180 4.96 -37.10 -20.00
N GLU A 181 5.22 -36.73 -21.27
CA GLU A 181 5.91 -37.66 -22.17
C GLU A 181 7.27 -38.09 -21.62
N ARG A 182 8.07 -37.12 -21.14
CA ARG A 182 9.40 -37.46 -20.63
C ARG A 182 9.34 -38.24 -19.31
N LEU A 183 8.25 -38.17 -18.55
CA LEU A 183 8.18 -38.93 -17.29
C LEU A 183 7.85 -40.42 -17.46
N VAL A 184 7.19 -40.82 -18.56
CA VAL A 184 6.71 -42.20 -18.76
C VAL A 184 7.74 -43.29 -18.44
N PRO A 185 8.95 -43.29 -19.01
CA PRO A 185 9.90 -44.38 -18.69
C PRO A 185 10.53 -44.32 -17.30
N PHE A 186 10.24 -43.31 -16.46
CA PHE A 186 10.75 -43.34 -15.09
C PHE A 186 9.88 -44.17 -14.15
N ASN A 187 8.84 -44.85 -14.65
CA ASN A 187 7.96 -45.74 -13.87
C ASN A 187 7.29 -45.05 -12.67
N PRO A 188 6.58 -43.94 -12.85
CA PRO A 188 5.84 -43.35 -11.72
C PRO A 188 4.67 -44.25 -11.33
N LYS A 189 4.16 -44.06 -10.12
CA LYS A 189 2.96 -44.79 -9.73
C LYS A 189 1.78 -44.43 -10.62
N GLU A 190 1.53 -43.13 -10.83
CA GLU A 190 0.49 -42.69 -11.74
C GLU A 190 0.77 -41.25 -12.17
N LEU A 191 0.34 -40.90 -13.39
CA LEU A 191 0.40 -39.52 -13.87
C LEU A 191 -1.00 -38.91 -13.95
N LEU A 192 -1.14 -37.67 -13.42
CA LEU A 192 -2.42 -36.97 -13.26
C LEU A 192 -2.34 -35.56 -13.84
N TYR A 193 -3.48 -35.02 -14.31
CA TYR A 193 -3.50 -33.63 -14.78
C TYR A 193 -4.82 -32.94 -14.43
N TYR A 194 -4.75 -31.61 -14.33
CA TYR A 194 -5.89 -30.71 -14.15
C TYR A 194 -5.84 -29.62 -15.22
N ASP A 195 -6.97 -29.37 -15.89
CA ASP A 195 -7.00 -28.36 -16.95
C ASP A 195 -8.45 -27.96 -17.23
N TYR A 196 -8.66 -26.68 -17.62
CA TYR A 196 -10.01 -26.26 -17.99
C TYR A 196 -10.56 -27.03 -19.20
N GLN A 197 -9.69 -27.67 -20.00
CA GLN A 197 -10.11 -28.42 -21.18
C GLN A 197 -9.49 -29.81 -21.15
N ALA A 198 -10.25 -30.81 -21.60
CA ALA A 198 -9.75 -32.18 -21.60
C ALA A 198 -8.73 -32.40 -22.71
N LEU A 199 -7.74 -33.27 -22.43
CA LEU A 199 -6.92 -33.83 -23.48
C LEU A 199 -7.75 -34.81 -24.31
N PRO A 200 -7.50 -34.89 -25.63
CA PRO A 200 -8.13 -35.94 -26.43
C PRO A 200 -7.78 -37.31 -25.89
N LYS A 201 -8.64 -38.27 -26.21
CA LYS A 201 -8.50 -39.57 -25.58
C LYS A 201 -7.26 -40.33 -26.05
N ASP A 202 -6.87 -40.18 -27.32
CA ASP A 202 -5.64 -40.82 -27.78
C ASP A 202 -4.41 -40.24 -27.08
N ALA A 203 -4.44 -38.94 -26.75
CA ALA A 203 -3.28 -38.33 -26.09
C ALA A 203 -3.21 -38.77 -24.64
N GLU A 204 -4.36 -38.86 -23.96
CA GLU A 204 -4.38 -39.38 -22.60
C GLU A 204 -3.78 -40.77 -22.53
N GLU A 205 -4.14 -41.65 -23.47
CA GLU A 205 -3.71 -43.04 -23.39
C GLU A 205 -2.23 -43.23 -23.77
N LYS A 206 -1.68 -42.36 -24.62
CA LYS A 206 -0.27 -42.49 -24.95
C LYS A 206 0.63 -42.35 -23.71
N VAL A 207 0.24 -41.56 -22.72
CA VAL A 207 1.06 -41.32 -21.55
C VAL A 207 0.44 -41.89 -20.28
N GLY A 208 -0.69 -42.60 -20.37
CA GLY A 208 -1.35 -43.14 -19.20
C GLY A 208 -1.85 -42.13 -18.19
N ALA A 209 -2.27 -40.94 -18.63
CA ALA A 209 -2.67 -39.88 -17.71
C ALA A 209 -4.18 -39.90 -17.39
N ARG A 210 -4.52 -39.47 -16.17
CA ARG A 210 -5.90 -39.38 -15.68
C ARG A 210 -6.27 -37.94 -15.33
N ARG A 211 -7.38 -37.46 -15.90
CA ARG A 211 -7.90 -36.13 -15.57
C ARG A 211 -8.57 -36.13 -14.20
N VAL A 212 -8.21 -35.15 -13.35
CA VAL A 212 -8.86 -34.90 -12.06
C VAL A 212 -9.55 -33.54 -12.15
N GLU A 213 -10.83 -33.49 -11.77
CA GLU A 213 -11.64 -32.33 -12.10
C GLU A 213 -11.69 -31.29 -10.99
N ASN A 214 -11.05 -31.54 -9.85
CA ASN A 214 -11.13 -30.68 -8.68
C ASN A 214 -9.71 -30.46 -8.16
N ILE A 215 -9.31 -29.19 -8.02
CA ILE A 215 -7.90 -28.87 -7.78
C ILE A 215 -7.42 -29.42 -6.44
N GLU A 216 -8.28 -29.40 -5.42
CA GLU A 216 -7.87 -29.88 -4.11
C GLU A 216 -7.76 -31.41 -4.08
N GLU A 217 -8.61 -32.11 -4.84
CA GLU A 217 -8.49 -33.56 -4.96
C GLU A 217 -7.21 -33.94 -5.70
N LEU A 218 -6.80 -33.15 -6.71
CA LEU A 218 -5.54 -33.39 -7.41
C LEU A 218 -4.34 -33.34 -6.45
N VAL A 219 -4.14 -32.20 -5.77
CA VAL A 219 -2.91 -32.06 -4.99
C VAL A 219 -2.88 -32.96 -3.75
N ALA A 220 -4.05 -33.38 -3.24
CA ALA A 220 -4.05 -34.17 -2.00
C ALA A 220 -3.49 -35.58 -2.20
N GLN A 221 -3.48 -36.11 -3.43
CA GLN A 221 -2.94 -37.45 -3.68
C GLN A 221 -1.55 -37.47 -4.30
N ALA A 222 -0.95 -36.31 -4.63
CA ALA A 222 0.30 -36.23 -5.36
C ALA A 222 1.53 -36.10 -4.45
N ASP A 223 2.62 -36.82 -4.81
CA ASP A 223 3.92 -36.58 -4.18
C ASP A 223 4.66 -35.40 -4.80
N ILE A 224 4.47 -35.15 -6.09
CA ILE A 224 5.17 -34.09 -6.83
C ILE A 224 4.13 -33.31 -7.62
N VAL A 225 4.18 -31.98 -7.55
CA VAL A 225 3.28 -31.09 -8.30
C VAL A 225 4.11 -30.13 -9.16
N THR A 226 3.70 -29.94 -10.43
CA THR A 226 4.36 -29.01 -11.34
C THR A 226 3.32 -28.09 -11.97
N ILE A 227 3.64 -26.80 -12.09
CA ILE A 227 2.68 -25.79 -12.58
C ILE A 227 3.05 -25.39 -14.00
N ASN A 228 2.10 -25.54 -14.92
CA ASN A 228 2.33 -25.22 -16.31
C ASN A 228 1.05 -24.57 -16.88
N ALA A 229 0.71 -23.37 -16.38
CA ALA A 229 -0.58 -22.73 -16.62
C ALA A 229 -0.42 -21.23 -16.84
N PRO A 230 -1.32 -20.61 -17.59
CA PRO A 230 -1.26 -19.15 -17.78
C PRO A 230 -1.72 -18.39 -16.53
N LEU A 231 -1.40 -17.08 -16.50
CA LEU A 231 -1.76 -16.17 -15.40
C LEU A 231 -3.03 -15.38 -15.75
N HIS A 232 -4.07 -15.55 -14.93
CA HIS A 232 -5.32 -14.77 -15.03
C HIS A 232 -6.05 -14.85 -13.68
N ALA A 233 -7.27 -14.30 -13.63
CA ALA A 233 -8.04 -14.39 -12.40
C ALA A 233 -8.31 -15.85 -12.05
N GLY A 234 -8.32 -16.17 -10.76
CA GLY A 234 -8.49 -17.58 -10.46
C GLY A 234 -7.31 -18.48 -10.82
N THR A 235 -6.26 -17.96 -11.45
CA THR A 235 -4.92 -18.51 -11.31
C THR A 235 -3.99 -17.63 -10.47
N LYS A 236 -4.22 -16.32 -10.43
CA LYS A 236 -3.42 -15.40 -9.64
C LYS A 236 -3.56 -15.68 -8.14
N GLY A 237 -2.43 -15.91 -7.45
CA GLY A 237 -2.46 -16.23 -6.04
C GLY A 237 -3.10 -17.56 -5.67
N LEU A 238 -3.13 -18.52 -6.61
CA LEU A 238 -3.74 -19.82 -6.35
C LEU A 238 -3.00 -20.60 -5.27
N ILE A 239 -1.67 -20.59 -5.29
CA ILE A 239 -0.90 -21.36 -4.30
C ILE A 239 -0.73 -20.54 -3.02
N ASN A 240 -1.72 -20.62 -2.12
CA ASN A 240 -1.69 -19.84 -0.89
C ASN A 240 -1.68 -20.80 0.32
N LYS A 241 -1.72 -20.21 1.53
CA LYS A 241 -1.60 -21.04 2.72
C LYS A 241 -2.72 -22.06 2.83
N GLU A 242 -3.94 -21.70 2.41
CA GLU A 242 -5.05 -22.64 2.57
C GLU A 242 -4.90 -23.83 1.63
N LEU A 243 -4.53 -23.60 0.37
CA LEU A 243 -4.40 -24.73 -0.56
C LEU A 243 -3.18 -25.58 -0.21
N LEU A 244 -2.09 -24.94 0.23
CA LEU A 244 -0.88 -25.68 0.60
C LEU A 244 -1.14 -26.67 1.72
N SER A 245 -2.08 -26.36 2.62
CA SER A 245 -2.41 -27.28 3.71
C SER A 245 -3.16 -28.51 3.22
N LYS A 246 -3.62 -28.55 1.97
CA LYS A 246 -4.20 -29.76 1.39
C LYS A 246 -3.16 -30.67 0.72
N PHE A 247 -1.93 -30.19 0.46
CA PHE A 247 -0.88 -31.04 -0.08
C PHE A 247 -0.54 -32.15 0.91
N LYS A 248 0.01 -33.27 0.42
CA LYS A 248 0.56 -34.25 1.32
C LYS A 248 1.72 -33.63 2.10
N LYS A 249 2.03 -34.20 3.26
CA LYS A 249 3.14 -33.71 4.06
C LYS A 249 4.45 -34.15 3.44
N GLY A 250 5.38 -33.21 3.27
CA GLY A 250 6.68 -33.49 2.68
C GLY A 250 6.79 -33.73 1.18
N PRO A 251 5.93 -33.11 0.35
CA PRO A 251 6.17 -33.23 -1.09
C PRO A 251 6.94 -32.07 -1.71
N TRP A 252 7.11 -32.15 -3.02
CA TRP A 252 7.94 -31.27 -3.80
C TRP A 252 7.06 -30.50 -4.79
N LEU A 253 7.36 -29.21 -4.98
CA LEU A 253 6.62 -28.33 -5.88
C LEU A 253 7.57 -27.61 -6.83
N VAL A 254 7.22 -27.58 -8.14
CA VAL A 254 8.05 -26.98 -9.20
C VAL A 254 7.18 -25.99 -10.00
N ASN A 255 7.72 -24.82 -10.32
CA ASN A 255 6.97 -23.78 -11.03
C ASN A 255 7.87 -23.07 -12.04
N PRO A 256 7.76 -23.39 -13.39
CA PRO A 256 8.45 -22.58 -14.40
C PRO A 256 7.47 -21.81 -15.26
N ALA A 257 6.27 -21.53 -14.72
CA ALA A 257 5.21 -20.83 -15.44
C ALA A 257 5.19 -19.33 -15.16
N ARG A 258 4.55 -18.89 -14.06
CA ARG A 258 4.57 -17.48 -13.67
C ARG A 258 4.67 -17.36 -12.15
N GLY A 259 5.54 -16.45 -11.69
CA GLY A 259 5.74 -16.29 -10.25
C GLY A 259 4.47 -15.94 -9.49
N ALA A 260 3.65 -15.03 -10.03
CA ALA A 260 2.47 -14.55 -9.30
C ALA A 260 1.37 -15.61 -9.12
N ILE A 261 1.53 -16.81 -9.69
CA ILE A 261 0.60 -17.88 -9.39
C ILE A 261 0.75 -18.36 -7.95
N CYS A 262 1.90 -18.10 -7.31
CA CYS A 262 2.14 -18.39 -5.90
C CYS A 262 2.06 -17.13 -5.04
N VAL A 263 1.73 -17.31 -3.75
CA VAL A 263 1.95 -16.28 -2.74
C VAL A 263 3.34 -16.55 -2.14
N ALA A 264 4.30 -15.65 -2.42
CA ALA A 264 5.71 -15.96 -2.17
C ALA A 264 5.96 -16.28 -0.70
N GLU A 265 5.47 -15.44 0.21
CA GLU A 265 5.72 -15.65 1.64
C GLU A 265 5.06 -16.94 2.15
N ASP A 266 3.94 -17.36 1.56
CA ASP A 266 3.26 -18.58 2.00
C ASP A 266 4.04 -19.84 1.60
N VAL A 267 4.65 -19.91 0.41
CA VAL A 267 5.41 -21.13 0.09
C VAL A 267 6.68 -21.22 0.96
N ALA A 268 7.33 -20.08 1.25
CA ALA A 268 8.50 -20.10 2.13
C ALA A 268 8.15 -20.63 3.53
N ALA A 269 7.01 -20.21 4.09
CA ALA A 269 6.58 -20.72 5.40
C ALA A 269 6.28 -22.22 5.35
N ALA A 270 5.65 -22.68 4.26
CA ALA A 270 5.41 -24.12 4.07
C ALA A 270 6.71 -24.92 3.99
N LEU A 271 7.73 -24.40 3.28
CA LEU A 271 9.01 -25.13 3.23
C LEU A 271 9.66 -25.21 4.61
N GLU A 272 9.63 -24.12 5.39
CA GLU A 272 10.27 -24.12 6.72
C GLU A 272 9.55 -25.07 7.67
N SER A 273 8.21 -25.16 7.58
CA SER A 273 7.47 -26.03 8.49
C SER A 273 7.52 -27.50 8.11
N GLY A 274 7.93 -27.84 6.89
CA GLY A 274 7.90 -29.23 6.46
C GLY A 274 6.63 -29.65 5.74
N GLN A 275 5.65 -28.76 5.57
CA GLN A 275 4.53 -29.04 4.66
C GLN A 275 5.05 -29.35 3.25
N LEU A 276 6.05 -28.59 2.78
CA LEU A 276 6.81 -28.92 1.58
C LEU A 276 8.23 -29.35 1.97
N ARG A 277 8.74 -30.39 1.28
CA ARG A 277 10.12 -30.83 1.44
C ARG A 277 11.08 -30.09 0.50
N GLY A 278 10.61 -29.56 -0.62
CA GLY A 278 11.44 -28.76 -1.51
C GLY A 278 10.61 -27.97 -2.51
N TYR A 279 11.19 -26.87 -3.00
CA TYR A 279 10.61 -25.99 -4.01
C TYR A 279 11.72 -25.58 -4.99
N GLY A 280 11.37 -25.46 -6.28
CA GLY A 280 12.33 -25.07 -7.31
C GLY A 280 11.64 -24.50 -8.53
N GLY A 281 12.42 -23.87 -9.41
CA GLY A 281 11.89 -23.24 -10.61
C GLY A 281 12.71 -22.01 -10.96
N ASP A 282 12.26 -21.32 -12.02
CA ASP A 282 13.01 -20.17 -12.54
C ASP A 282 12.18 -18.89 -12.73
N VAL A 283 10.95 -18.81 -12.18
CA VAL A 283 10.11 -17.63 -12.38
C VAL A 283 9.77 -16.97 -11.04
N TRP A 284 9.64 -15.64 -11.06
CA TRP A 284 9.60 -14.83 -9.84
C TRP A 284 8.57 -13.71 -9.96
N PHE A 285 8.12 -13.21 -8.79
CA PHE A 285 7.39 -11.95 -8.72
C PHE A 285 7.76 -11.16 -7.45
N PRO A 286 8.22 -9.89 -7.59
CA PRO A 286 8.55 -9.18 -8.83
C PRO A 286 9.74 -9.83 -9.56
N GLN A 287 9.97 -9.50 -10.84
CA GLN A 287 11.03 -10.08 -11.67
C GLN A 287 11.68 -8.97 -12.49
N PRO A 288 13.02 -8.82 -12.45
CA PRO A 288 14.02 -9.63 -11.74
C PRO A 288 13.87 -9.57 -10.22
N ALA A 289 14.32 -10.62 -9.54
CA ALA A 289 14.07 -10.75 -8.11
C ALA A 289 14.84 -9.71 -7.32
N PRO A 290 14.19 -8.94 -6.42
CA PRO A 290 14.94 -8.11 -5.47
C PRO A 290 15.93 -8.94 -4.67
N LYS A 291 16.97 -8.28 -4.16
CA LYS A 291 18.05 -8.98 -3.48
C LYS A 291 17.59 -9.59 -2.17
N ASP A 292 16.46 -9.13 -1.62
CA ASP A 292 15.88 -9.67 -0.40
C ASP A 292 14.60 -10.48 -0.64
N HIS A 293 14.30 -10.84 -1.89
CA HIS A 293 13.15 -11.71 -2.15
C HIS A 293 13.23 -12.94 -1.26
N PRO A 294 12.14 -13.35 -0.61
CA PRO A 294 12.23 -14.49 0.34
C PRO A 294 12.61 -15.84 -0.29
N TRP A 295 12.43 -16.02 -1.59
CA TRP A 295 12.79 -17.29 -2.20
C TRP A 295 14.31 -17.49 -2.33
N ARG A 296 15.13 -16.44 -2.15
CA ARG A 296 16.57 -16.61 -2.23
C ARG A 296 17.13 -17.37 -1.03
N ASP A 297 16.72 -16.99 0.19
CA ASP A 297 17.32 -17.57 1.40
C ASP A 297 16.51 -18.71 2.05
N MET A 298 15.27 -18.99 1.63
CA MET A 298 14.47 -20.01 2.31
C MET A 298 15.09 -21.40 2.18
N ARG A 299 14.99 -22.21 3.24
CA ARG A 299 15.43 -23.60 3.24
C ARG A 299 14.46 -24.45 4.07
N ASN A 300 14.58 -25.78 3.93
CA ASN A 300 13.86 -26.70 4.81
C ASN A 300 14.67 -26.92 6.10
N LYS A 301 14.19 -27.82 6.97
CA LYS A 301 14.78 -27.98 8.29
C LYS A 301 16.21 -28.49 8.25
N TYR A 302 16.62 -29.12 7.15
CA TYR A 302 17.99 -29.62 7.03
C TYR A 302 18.92 -28.64 6.31
N GLY A 303 18.43 -27.46 5.95
CA GLY A 303 19.26 -26.52 5.23
C GLY A 303 19.30 -26.70 3.73
N ALA A 304 18.41 -27.53 3.16
CA ALA A 304 18.34 -27.76 1.73
C ALA A 304 16.94 -27.52 1.18
N GLY A 305 16.52 -28.28 0.16
CA GLY A 305 15.20 -28.12 -0.41
C GLY A 305 14.95 -26.87 -1.25
N ASN A 306 16.01 -26.21 -1.74
CA ASN A 306 15.89 -25.01 -2.56
C ASN A 306 16.64 -25.22 -3.88
N ALA A 307 15.92 -25.20 -5.01
CA ALA A 307 16.55 -25.36 -6.32
C ALA A 307 16.15 -24.25 -7.28
N MET A 308 16.12 -23.01 -6.78
CA MET A 308 15.80 -21.83 -7.60
C MET A 308 16.97 -21.45 -8.53
N THR A 309 16.63 -20.91 -9.71
CA THR A 309 17.58 -20.29 -10.64
C THR A 309 16.96 -18.98 -11.09
N PRO A 310 17.74 -18.09 -11.71
CA PRO A 310 17.14 -16.93 -12.38
C PRO A 310 16.38 -17.40 -13.61
N HIS A 311 15.67 -16.47 -14.24
CA HIS A 311 14.73 -16.81 -15.32
C HIS A 311 15.51 -17.02 -16.64
N TYR A 312 15.82 -18.29 -16.97
CA TYR A 312 16.65 -18.57 -18.16
C TYR A 312 16.29 -19.84 -18.93
N SER A 313 15.27 -20.61 -18.52
CA SER A 313 15.06 -21.94 -19.12
C SER A 313 14.82 -21.86 -20.62
N GLY A 314 14.08 -20.84 -21.08
CA GLY A 314 13.78 -20.70 -22.48
C GLY A 314 14.82 -19.93 -23.29
N THR A 315 16.05 -19.80 -22.77
CA THR A 315 17.04 -18.97 -23.42
C THR A 315 18.33 -19.73 -23.77
N THR A 316 18.28 -21.07 -23.81
CA THR A 316 19.44 -21.85 -24.27
C THR A 316 19.80 -21.48 -25.70
N LEU A 317 21.04 -21.79 -26.09
CA LEU A 317 21.50 -21.46 -27.44
C LEU A 317 20.69 -22.18 -28.51
N ASP A 318 20.17 -23.37 -28.22
CA ASP A 318 19.32 -24.04 -29.21
C ASP A 318 18.00 -23.29 -29.41
N ALA A 319 17.40 -22.77 -28.32
CA ALA A 319 16.14 -22.02 -28.43
C ALA A 319 16.37 -20.66 -29.11
N GLN A 320 17.50 -20.01 -28.82
CA GLN A 320 17.80 -18.69 -29.41
C GLN A 320 17.93 -18.75 -30.94
N THR A 321 18.49 -19.83 -31.47
CA THR A 321 18.55 -19.99 -32.93
C THR A 321 17.15 -20.09 -33.54
N ARG A 322 16.25 -20.83 -32.89
CA ARG A 322 14.87 -20.90 -33.38
C ARG A 322 14.20 -19.53 -33.35
N TYR A 323 14.38 -18.75 -32.26
CA TYR A 323 13.81 -17.41 -32.19
C TYR A 323 14.29 -16.53 -33.35
N ALA A 324 15.58 -16.60 -33.68
CA ALA A 324 16.12 -15.75 -34.74
C ALA A 324 15.53 -16.11 -36.10
N GLU A 325 15.47 -17.41 -36.42
CA GLU A 325 14.88 -17.83 -37.69
C GLU A 325 13.40 -17.46 -37.76
N GLY A 326 12.65 -17.68 -36.69
CA GLY A 326 11.22 -17.38 -36.71
C GLY A 326 10.91 -15.89 -36.84
N THR A 327 11.74 -15.03 -36.25
CA THR A 327 11.50 -13.59 -36.36
C THR A 327 11.72 -13.12 -37.80
N LYS A 328 12.76 -13.59 -38.47
CA LYS A 328 12.99 -13.18 -39.86
C LYS A 328 11.88 -13.70 -40.77
N ASN A 329 11.37 -14.92 -40.51
CA ASN A 329 10.25 -15.42 -41.28
C ASN A 329 9.01 -14.54 -41.15
N ILE A 330 8.70 -14.10 -39.93
CA ILE A 330 7.54 -13.24 -39.71
C ILE A 330 7.72 -11.90 -40.39
N LEU A 331 8.90 -11.29 -40.24
CA LEU A 331 9.17 -9.98 -40.83
C LEU A 331 9.02 -10.03 -42.35
N GLU A 332 9.54 -11.10 -42.98
CA GLU A 332 9.50 -11.20 -44.42
C GLU A 332 8.07 -11.37 -44.93
N SER A 333 7.24 -12.14 -44.22
CA SER A 333 5.82 -12.21 -44.58
C SER A 333 5.17 -10.84 -44.58
N PHE A 334 5.61 -9.94 -43.70
CA PHE A 334 5.08 -8.59 -43.69
C PHE A 334 5.68 -7.73 -44.80
N PHE A 335 7.01 -7.73 -44.94
CA PHE A 335 7.67 -6.91 -45.94
C PHE A 335 7.16 -7.18 -47.34
N THR A 336 6.93 -8.45 -47.68
CA THR A 336 6.52 -8.82 -49.03
C THR A 336 5.07 -8.47 -49.32
N GLY A 337 4.27 -8.21 -48.28
CA GLY A 337 2.85 -8.04 -48.47
C GLY A 337 2.07 -9.31 -48.75
N LYS A 338 2.71 -10.49 -48.62
CA LYS A 338 1.95 -11.74 -48.72
C LYS A 338 1.16 -12.04 -47.45
N PHE A 339 1.71 -11.68 -46.29
CA PHE A 339 1.08 -11.97 -45.00
C PHE A 339 0.76 -13.46 -44.88
N ASP A 340 1.66 -14.30 -45.40
CA ASP A 340 1.51 -15.75 -45.31
C ASP A 340 2.09 -16.29 -44.00
N TYR A 341 1.52 -15.82 -42.88
CA TYR A 341 2.00 -16.22 -41.56
C TYR A 341 1.64 -17.68 -41.27
N ARG A 342 2.44 -18.34 -40.44
CA ARG A 342 2.03 -19.64 -39.91
C ARG A 342 0.79 -19.44 -39.05
N PRO A 343 -0.26 -20.25 -39.21
CA PRO A 343 -1.49 -20.04 -38.41
C PRO A 343 -1.25 -20.02 -36.91
N GLN A 344 -0.39 -20.90 -36.41
CA GLN A 344 -0.18 -20.97 -34.96
C GLN A 344 0.49 -19.73 -34.40
N ASP A 345 1.21 -18.96 -35.23
CA ASP A 345 1.96 -17.78 -34.78
C ASP A 345 1.08 -16.55 -34.54
N ILE A 346 -0.12 -16.51 -35.11
CA ILE A 346 -1.01 -15.34 -35.01
C ILE A 346 -1.68 -15.31 -33.64
N ILE A 347 -1.54 -14.20 -32.93
CA ILE A 347 -2.42 -13.91 -31.80
C ILE A 347 -3.42 -12.81 -32.12
N LEU A 348 -3.01 -11.78 -32.86
CA LEU A 348 -3.94 -10.77 -33.37
C LEU A 348 -3.60 -10.48 -34.82
N LEU A 349 -4.61 -10.52 -35.70
CA LEU A 349 -4.46 -10.13 -37.10
C LEU A 349 -5.30 -8.88 -37.33
N ASN A 350 -4.64 -7.72 -37.39
CA ASN A 350 -5.31 -6.43 -37.46
C ASN A 350 -6.34 -6.30 -36.34
N GLY A 351 -5.86 -6.38 -35.10
CA GLY A 351 -6.67 -6.10 -33.93
C GLY A 351 -7.81 -7.07 -33.65
N GLU A 352 -7.82 -8.27 -34.23
CA GLU A 352 -8.86 -9.20 -33.83
C GLU A 352 -8.38 -10.64 -33.88
N TYR A 353 -9.03 -11.49 -33.07
CA TYR A 353 -8.69 -12.89 -32.92
C TYR A 353 -9.23 -13.70 -34.10
N VAL A 354 -8.61 -14.86 -34.32
CA VAL A 354 -9.05 -15.78 -35.38
C VAL A 354 -9.54 -17.06 -34.74
N THR A 355 -10.25 -17.86 -35.54
CA THR A 355 -10.73 -19.17 -35.10
C THR A 355 -10.93 -20.12 -36.28
N LEU B 17 -2.41 2.25 4.51
CA LEU B 17 -1.37 3.04 5.15
C LEU B 17 -1.10 4.36 4.39
N SER B 18 -1.54 4.43 3.09
CA SER B 18 -1.36 5.67 2.34
C SER B 18 -2.39 6.71 2.81
N PRO B 19 -2.01 8.00 2.83
CA PRO B 19 -2.95 9.04 3.31
C PRO B 19 -4.29 9.06 2.59
N GLY B 20 -4.32 8.77 1.28
CA GLY B 20 -5.58 8.70 0.58
C GLY B 20 -6.44 7.52 1.00
N GLU B 21 -5.82 6.38 1.33
CA GLU B 21 -6.58 5.23 1.81
C GLU B 21 -7.17 5.50 3.19
N LEU B 22 -6.34 6.02 4.11
CA LEU B 22 -6.83 6.37 5.45
C LEU B 22 -8.01 7.32 5.38
N ASP B 23 -7.95 8.29 4.45
CA ASP B 23 -9.05 9.21 4.30
C ASP B 23 -10.35 8.50 3.88
N ARG B 24 -10.25 7.55 2.94
CA ARG B 24 -11.43 6.83 2.47
C ARG B 24 -12.00 5.96 3.58
N ILE B 25 -11.15 5.39 4.43
CA ILE B 25 -11.62 4.56 5.52
C ILE B 25 -12.30 5.42 6.59
N LYS B 26 -11.68 6.55 6.94
CA LYS B 26 -12.26 7.42 7.97
C LYS B 26 -13.63 7.94 7.55
N ALA B 27 -13.85 8.14 6.26
CA ALA B 27 -15.16 8.60 5.80
C ALA B 27 -16.24 7.56 6.12
N PHE B 28 -15.92 6.27 6.00
CA PHE B 28 -16.88 5.20 6.32
C PHE B 28 -17.24 5.19 7.80
N VAL B 29 -16.31 5.61 8.66
CA VAL B 29 -16.43 5.52 10.11
C VAL B 29 -17.12 6.76 10.71
N THR B 30 -16.99 7.91 10.07
CA THR B 30 -17.12 9.21 10.72
C THR B 30 -18.09 10.13 9.98
N SER B 31 -18.23 9.93 8.68
CA SER B 31 -19.00 10.86 7.86
C SER B 31 -20.26 10.19 7.30
N GLY B 32 -20.44 10.20 5.99
CA GLY B 32 -21.62 9.62 5.36
C GLY B 32 -21.96 8.20 5.77
N GLU B 33 -23.25 7.85 5.74
CA GLU B 33 -23.72 6.52 6.10
C GLU B 33 -24.33 5.76 4.91
N SER B 34 -24.20 6.29 3.69
CA SER B 34 -24.78 5.58 2.55
C SER B 34 -24.03 4.29 2.25
N ARG B 35 -22.69 4.29 2.37
CA ARG B 35 -21.94 3.05 2.16
C ARG B 35 -22.36 1.99 3.17
N LEU B 36 -22.62 2.41 4.41
CA LEU B 36 -23.08 1.49 5.45
C LEU B 36 -24.45 0.89 5.10
N ARG B 37 -25.39 1.71 4.60
CA ARG B 37 -26.73 1.20 4.27
C ARG B 37 -26.68 0.27 3.06
N ILE B 38 -25.86 0.60 2.05
CA ILE B 38 -25.71 -0.26 0.88
C ILE B 38 -25.19 -1.64 1.30
N ALA B 39 -24.13 -1.67 2.11
CA ALA B 39 -23.60 -2.95 2.58
C ALA B 39 -24.61 -3.73 3.43
N GLU B 40 -25.48 -3.04 4.18
CA GLU B 40 -26.49 -3.77 4.95
C GLU B 40 -27.44 -4.54 4.04
N THR B 41 -27.85 -3.93 2.93
CA THR B 41 -28.75 -4.60 1.98
C THR B 41 -28.05 -5.73 1.23
N LEU B 42 -26.80 -5.54 0.82
CA LEU B 42 -26.14 -6.57 0.00
C LEU B 42 -25.81 -7.82 0.82
N THR B 43 -25.45 -7.65 2.09
CA THR B 43 -25.17 -8.80 2.93
C THR B 43 -26.46 -9.44 3.43
N GLY B 44 -27.45 -8.63 3.81
CA GLY B 44 -28.66 -9.16 4.42
C GLY B 44 -29.59 -9.88 3.45
N SER B 45 -29.61 -9.47 2.19
CA SER B 45 -30.49 -10.07 1.19
C SER B 45 -29.72 -10.81 0.09
N ARG B 46 -28.50 -11.26 0.39
CA ARG B 46 -27.60 -11.74 -0.65
C ARG B 46 -28.15 -12.99 -1.35
N GLU B 47 -28.75 -13.91 -0.59
CA GLU B 47 -29.27 -15.12 -1.19
C GLU B 47 -30.51 -14.85 -2.05
N ARG B 48 -31.36 -13.92 -1.65
CA ARG B 48 -32.50 -13.57 -2.49
C ARG B 48 -32.06 -12.88 -3.77
N ILE B 49 -31.05 -12.02 -3.68
CA ILE B 49 -30.53 -11.32 -4.87
C ILE B 49 -30.02 -12.31 -5.91
N ILE B 50 -29.28 -13.35 -5.49
CA ILE B 50 -28.73 -14.29 -6.47
C ILE B 50 -29.82 -15.19 -7.05
N LYS B 51 -30.74 -15.68 -6.20
CA LYS B 51 -31.79 -16.57 -6.70
C LYS B 51 -32.70 -15.84 -7.68
N SER B 52 -33.21 -14.68 -7.29
CA SER B 52 -34.05 -13.90 -8.16
C SER B 52 -33.34 -13.49 -9.45
N ALA B 53 -32.05 -13.12 -9.37
CA ALA B 53 -31.35 -12.68 -10.58
C ALA B 53 -31.03 -13.84 -11.52
N GLY B 54 -30.70 -15.01 -10.96
CA GLY B 54 -30.47 -16.17 -11.81
C GLY B 54 -31.69 -16.57 -12.62
N ASP B 55 -32.88 -16.51 -12.00
CA ASP B 55 -34.12 -16.81 -12.71
C ASP B 55 -34.28 -15.90 -13.92
N ALA B 56 -34.05 -14.60 -13.72
CA ALA B 56 -34.18 -13.64 -14.81
C ALA B 56 -33.13 -13.86 -15.90
N LEU B 57 -31.90 -14.23 -15.51
CA LEU B 57 -30.86 -14.48 -16.51
C LEU B 57 -31.25 -15.62 -17.46
N PHE B 58 -31.65 -16.75 -16.90
CA PHE B 58 -31.95 -17.93 -17.72
C PHE B 58 -33.22 -17.75 -18.54
N GLN B 59 -34.12 -16.84 -18.16
CA GLN B 59 -35.24 -16.49 -19.04
C GLN B 59 -34.79 -15.64 -20.22
N LYS B 60 -33.76 -14.81 -20.04
CA LYS B 60 -33.29 -13.98 -21.13
C LYS B 60 -32.28 -14.69 -22.02
N ARG B 61 -31.57 -15.69 -21.49
CA ARG B 61 -30.55 -16.42 -22.25
C ARG B 61 -30.78 -17.93 -22.09
N PRO B 62 -31.85 -18.48 -22.71
CA PRO B 62 -32.11 -19.91 -22.56
C PRO B 62 -30.96 -20.86 -22.94
N ASP B 63 -29.71 -20.39 -23.04
CA ASP B 63 -28.53 -21.27 -23.20
C ASP B 63 -28.09 -21.96 -21.89
N VAL B 64 -29.09 -22.36 -21.13
CA VAL B 64 -29.09 -23.50 -20.24
C VAL B 64 -29.76 -24.71 -20.93
N VAL B 65 -29.82 -24.67 -22.26
CA VAL B 65 -30.43 -25.75 -23.01
C VAL B 65 -29.37 -26.76 -23.45
N SER B 66 -29.81 -27.93 -23.90
CA SER B 66 -28.93 -29.04 -24.25
C SER B 66 -27.68 -28.66 -25.05
N PRO B 67 -27.74 -27.85 -26.10
CA PRO B 67 -26.62 -27.81 -27.05
C PRO B 67 -25.34 -27.26 -26.45
N GLY B 68 -24.91 -26.09 -26.93
CA GLY B 68 -23.78 -25.44 -26.33
C GLY B 68 -23.93 -25.66 -24.85
N GLY B 69 -25.02 -25.11 -24.30
CA GLY B 69 -25.21 -24.92 -22.89
C GLY B 69 -23.95 -25.05 -22.07
N ASN B 70 -23.14 -23.97 -21.99
CA ASN B 70 -22.04 -23.96 -21.02
C ASN B 70 -22.54 -24.24 -19.60
N ALA B 71 -23.78 -23.89 -19.29
CA ALA B 71 -24.37 -24.13 -17.98
C ALA B 71 -25.45 -25.23 -17.99
N TYR B 72 -25.37 -26.17 -18.93
CA TYR B 72 -26.44 -27.15 -19.13
C TYR B 72 -26.64 -28.07 -17.92
N GLY B 73 -25.57 -28.63 -17.37
CA GLY B 73 -25.78 -29.39 -16.13
C GLY B 73 -26.64 -28.79 -14.99
N GLU B 74 -27.27 -29.63 -14.17
CA GLU B 74 -27.62 -29.20 -12.82
C GLU B 74 -26.36 -28.80 -12.06
N GLU B 75 -25.26 -29.51 -12.30
CA GLU B 75 -23.99 -29.17 -11.69
C GLU B 75 -23.43 -27.87 -12.27
N MET B 76 -23.52 -27.71 -13.59
CA MET B 76 -22.96 -26.52 -14.23
C MET B 76 -23.80 -25.28 -13.92
N THR B 77 -25.11 -25.47 -13.78
CA THR B 77 -25.96 -24.36 -13.35
C THR B 77 -25.57 -23.87 -11.96
N ALA B 78 -25.22 -24.79 -11.05
CA ALA B 78 -24.77 -24.40 -9.72
C ALA B 78 -23.41 -23.70 -9.75
N THR B 79 -22.51 -24.09 -10.66
CA THR B 79 -21.25 -23.37 -10.81
C THR B 79 -21.48 -21.93 -11.28
N CYS B 80 -22.43 -21.73 -12.22
CA CYS B 80 -22.77 -20.38 -12.66
C CYS B 80 -23.26 -19.50 -11.51
N LEU B 81 -24.17 -20.04 -10.67
CA LEU B 81 -24.68 -19.23 -9.56
C LEU B 81 -23.58 -18.96 -8.52
N ARG B 82 -22.58 -19.84 -8.42
CA ARG B 82 -21.42 -19.60 -7.57
C ARG B 82 -20.64 -18.37 -8.03
N ASP B 83 -20.38 -18.29 -9.34
CA ASP B 83 -19.67 -17.13 -9.90
C ASP B 83 -20.44 -15.83 -9.63
N MET B 84 -21.77 -15.87 -9.73
CA MET B 84 -22.58 -14.68 -9.44
C MET B 84 -22.40 -14.24 -7.99
N ASP B 85 -22.33 -15.20 -7.07
CA ASP B 85 -22.03 -14.91 -5.66
C ASP B 85 -20.65 -14.28 -5.50
N TYR B 86 -19.65 -14.74 -6.27
CA TYR B 86 -18.31 -14.15 -6.21
C TYR B 86 -18.36 -12.65 -6.50
N TYR B 87 -19.01 -12.26 -7.60
CA TYR B 87 -19.03 -10.86 -8.00
C TYR B 87 -19.85 -10.00 -7.03
N LEU B 88 -20.92 -10.56 -6.44
CA LEU B 88 -21.69 -9.79 -5.45
C LEU B 88 -20.86 -9.52 -4.19
N ARG B 89 -20.13 -10.53 -3.71
CA ARG B 89 -19.25 -10.32 -2.55
C ARG B 89 -18.09 -9.38 -2.89
N LEU B 90 -17.63 -9.36 -4.14
CA LEU B 90 -16.53 -8.47 -4.50
C LEU B 90 -16.99 -7.03 -4.64
N ILE B 91 -18.21 -6.81 -5.17
CA ILE B 91 -18.82 -5.49 -5.18
C ILE B 91 -19.10 -4.99 -3.76
N THR B 92 -19.53 -5.89 -2.85
CA THR B 92 -19.71 -5.49 -1.45
C THR B 92 -18.41 -4.98 -0.85
N TYR B 93 -17.30 -5.69 -1.09
CA TYR B 93 -16.01 -5.24 -0.58
C TYR B 93 -15.68 -3.84 -1.10
N GLY B 94 -15.88 -3.62 -2.40
CA GLY B 94 -15.59 -2.31 -2.98
C GLY B 94 -16.40 -1.17 -2.37
N VAL B 95 -17.69 -1.40 -2.11
CA VAL B 95 -18.53 -0.38 -1.46
C VAL B 95 -17.97 -0.03 -0.08
N VAL B 96 -17.63 -1.05 0.73
CA VAL B 96 -17.12 -0.81 2.07
C VAL B 96 -15.80 -0.02 2.01
N ALA B 97 -14.93 -0.38 1.07
CA ALA B 97 -13.68 0.34 0.91
C ALA B 97 -13.90 1.64 0.14
N GLY B 98 -12.84 2.38 -0.04
CA GLY B 98 -12.94 3.57 -0.87
C GLY B 98 -13.47 3.35 -2.29
N ASP B 99 -13.16 2.21 -2.92
CA ASP B 99 -12.99 2.31 -4.38
C ASP B 99 -13.02 0.97 -5.13
N VAL B 100 -12.89 1.11 -6.45
CA VAL B 100 -13.03 0.00 -7.40
C VAL B 100 -11.73 -0.75 -7.66
N THR B 101 -10.59 -0.27 -7.15
CA THR B 101 -9.30 -0.92 -7.39
C THR B 101 -9.29 -2.40 -7.00
N PRO B 102 -9.80 -2.82 -5.84
CA PRO B 102 -9.78 -4.26 -5.54
C PRO B 102 -10.68 -5.05 -6.49
N ILE B 103 -11.72 -4.42 -7.05
CA ILE B 103 -12.56 -5.13 -8.01
C ILE B 103 -11.75 -5.45 -9.26
N GLU B 104 -10.99 -4.48 -9.76
CA GLU B 104 -10.14 -4.66 -10.93
C GLU B 104 -9.13 -5.77 -10.74
N GLU B 105 -8.37 -5.71 -9.63
CA GLU B 105 -7.20 -6.57 -9.47
C GLU B 105 -7.55 -8.03 -9.18
N ILE B 106 -8.75 -8.30 -8.68
CA ILE B 106 -9.12 -9.65 -8.27
C ILE B 106 -10.12 -10.28 -9.22
N GLY B 107 -11.05 -9.50 -9.75
CA GLY B 107 -12.13 -10.07 -10.52
C GLY B 107 -12.06 -9.87 -12.02
N LEU B 108 -11.17 -8.99 -12.50
CA LEU B 108 -11.19 -8.60 -13.90
C LEU B 108 -9.88 -8.78 -14.66
N VAL B 109 -8.79 -9.20 -14.02
CA VAL B 109 -7.50 -9.15 -14.69
C VAL B 109 -7.45 -10.15 -15.84
N GLY B 110 -7.48 -11.42 -15.55
CA GLY B 110 -7.43 -12.20 -16.76
C GLY B 110 -8.77 -12.49 -17.38
N VAL B 111 -9.85 -11.98 -16.78
CA VAL B 111 -11.21 -12.33 -17.15
C VAL B 111 -11.29 -12.06 -18.63
N ARG B 112 -12.13 -12.81 -19.35
CA ARG B 112 -12.38 -12.65 -20.79
C ARG B 112 -11.66 -13.74 -21.58
N GLU B 113 -10.32 -13.75 -21.57
CA GLU B 113 -9.66 -14.91 -22.14
C GLU B 113 -9.75 -16.12 -21.20
N MET B 114 -9.89 -15.88 -19.88
CA MET B 114 -10.22 -16.96 -18.96
C MET B 114 -11.57 -17.60 -19.31
N TYR B 115 -12.63 -16.79 -19.38
CA TYR B 115 -13.94 -17.34 -19.71
C TYR B 115 -13.97 -17.93 -21.12
N LYS B 116 -13.23 -17.32 -22.06
CA LYS B 116 -13.14 -17.86 -23.42
C LYS B 116 -12.60 -19.30 -23.41
N SER B 117 -11.55 -19.56 -22.63
CA SER B 117 -11.02 -20.92 -22.55
C SER B 117 -11.98 -21.89 -21.87
N LEU B 118 -12.96 -21.39 -21.11
CA LEU B 118 -13.94 -22.27 -20.48
C LEU B 118 -15.15 -22.58 -21.37
N GLY B 119 -15.32 -21.87 -22.49
CA GLY B 119 -16.55 -21.99 -23.26
C GLY B 119 -17.70 -21.11 -22.78
N THR B 120 -17.43 -20.20 -21.84
CA THR B 120 -18.48 -19.35 -21.26
C THR B 120 -18.67 -18.10 -22.10
N PRO B 121 -19.85 -17.81 -22.63
CA PRO B 121 -20.05 -16.55 -23.35
C PRO B 121 -19.96 -15.34 -22.42
N VAL B 122 -19.00 -14.46 -22.72
CA VAL B 122 -18.65 -13.36 -21.81
C VAL B 122 -19.80 -12.38 -21.66
N ASP B 123 -20.51 -12.09 -22.75
CA ASP B 123 -21.64 -11.17 -22.66
C ASP B 123 -22.79 -11.73 -21.85
N ALA B 124 -22.86 -13.04 -21.65
CA ALA B 124 -23.87 -13.58 -20.74
C ALA B 124 -23.47 -13.40 -19.28
N VAL B 125 -22.16 -13.35 -18.97
CA VAL B 125 -21.74 -13.03 -17.61
C VAL B 125 -22.07 -11.57 -17.30
N ALA B 126 -21.82 -10.66 -18.25
CA ALA B 126 -22.24 -9.27 -18.10
C ALA B 126 -23.74 -9.17 -17.80
N GLN B 127 -24.57 -9.93 -18.52
CA GLN B 127 -26.01 -9.89 -18.30
C GLN B 127 -26.40 -10.38 -16.90
N ALA B 128 -25.67 -11.36 -16.36
CA ALA B 128 -25.94 -11.79 -15.00
C ALA B 128 -25.70 -10.66 -14.00
N VAL B 129 -24.67 -9.85 -14.23
CA VAL B 129 -24.38 -8.73 -13.33
C VAL B 129 -25.41 -7.62 -13.51
N ARG B 130 -25.92 -7.44 -14.72
CA ARG B 130 -27.04 -6.51 -14.91
C ARG B 130 -28.26 -6.94 -14.10
N GLU B 131 -28.54 -8.25 -14.08
CA GLU B 131 -29.72 -8.73 -13.36
C GLU B 131 -29.55 -8.59 -11.84
N MET B 132 -28.32 -8.77 -11.34
CA MET B 132 -28.10 -8.53 -9.92
C MET B 132 -28.24 -7.04 -9.59
N LYS B 133 -27.84 -6.17 -10.51
CA LYS B 133 -27.96 -4.73 -10.27
C LYS B 133 -29.43 -4.33 -10.10
N ALA B 134 -30.32 -4.88 -10.93
CA ALA B 134 -31.72 -4.49 -10.87
C ALA B 134 -32.38 -4.94 -9.57
N VAL B 135 -32.17 -6.19 -9.16
CA VAL B 135 -32.78 -6.66 -7.92
C VAL B 135 -32.23 -5.88 -6.72
N ALA B 136 -30.91 -5.67 -6.67
CA ALA B 136 -30.31 -5.07 -5.48
C ALA B 136 -30.74 -3.61 -5.31
N THR B 137 -30.60 -2.81 -6.37
CA THR B 137 -30.96 -1.40 -6.29
C THR B 137 -32.45 -1.20 -6.08
N GLY B 138 -33.28 -2.16 -6.50
CA GLY B 138 -34.70 -2.09 -6.20
C GLY B 138 -35.03 -2.08 -4.72
N MET B 139 -34.12 -2.56 -3.87
CA MET B 139 -34.35 -2.60 -2.43
C MET B 139 -33.79 -1.38 -1.70
N MET B 140 -33.29 -0.38 -2.42
CA MET B 140 -32.57 0.74 -1.84
C MET B 140 -33.32 2.03 -2.11
N SER B 141 -32.97 3.08 -1.35
CA SER B 141 -33.48 4.41 -1.62
C SER B 141 -32.99 4.88 -2.98
N GLY B 142 -33.63 5.93 -3.50
CA GLY B 142 -33.22 6.49 -4.77
C GLY B 142 -31.76 6.90 -4.80
N ASP B 143 -31.29 7.57 -3.75
CA ASP B 143 -29.90 8.05 -3.71
C ASP B 143 -28.92 6.91 -3.55
N ASP B 144 -29.20 6.00 -2.61
CA ASP B 144 -28.33 4.85 -2.41
C ASP B 144 -28.22 4.02 -3.70
N ALA B 145 -29.32 3.91 -4.47
CA ALA B 145 -29.28 3.13 -5.69
C ALA B 145 -28.37 3.74 -6.75
N ALA B 146 -28.28 5.08 -6.80
CA ALA B 146 -27.37 5.70 -7.75
C ALA B 146 -25.92 5.43 -7.37
N GLU B 147 -25.58 5.56 -6.08
CA GLU B 147 -24.21 5.32 -5.65
C GLU B 147 -23.82 3.86 -5.88
N ALA B 148 -24.69 2.92 -5.46
CA ALA B 148 -24.39 1.51 -5.63
C ALA B 148 -24.32 1.12 -7.10
N GLY B 149 -25.18 1.72 -7.94
CA GLY B 149 -25.20 1.35 -9.34
C GLY B 149 -23.88 1.53 -10.07
N ALA B 150 -23.06 2.48 -9.63
CA ALA B 150 -21.77 2.74 -10.29
C ALA B 150 -20.80 1.59 -10.13
N TYR B 151 -20.85 0.88 -9.00
CA TYR B 151 -19.96 -0.26 -8.78
C TYR B 151 -20.34 -1.44 -9.67
N PHE B 152 -21.64 -1.74 -9.79
CA PHE B 152 -22.09 -2.78 -10.72
C PHE B 152 -21.65 -2.45 -12.15
N ASP B 153 -21.83 -1.19 -12.57
CA ASP B 153 -21.49 -0.78 -13.94
C ASP B 153 -20.02 -1.00 -14.24
N TYR B 154 -19.15 -0.82 -13.25
CA TYR B 154 -17.72 -1.00 -13.46
C TYR B 154 -17.41 -2.44 -13.89
N VAL B 155 -18.13 -3.41 -13.34
CA VAL B 155 -17.94 -4.80 -13.73
C VAL B 155 -18.55 -5.06 -15.11
N ILE B 156 -19.76 -4.56 -15.34
CA ILE B 156 -20.45 -4.76 -16.61
C ILE B 156 -19.62 -4.22 -17.77
N GLY B 157 -18.97 -3.07 -17.56
CA GLY B 157 -18.20 -2.46 -18.63
C GLY B 157 -16.98 -3.26 -19.07
N ALA B 158 -16.44 -4.07 -18.18
CA ALA B 158 -15.28 -4.89 -18.54
C ALA B 158 -15.67 -6.15 -19.31
N MET B 159 -16.96 -6.53 -19.32
CA MET B 159 -17.41 -7.79 -19.90
C MET B 159 -18.31 -7.62 -21.10
N GLU B 160 -18.84 -6.43 -21.31
CA GLU B 160 -19.52 -6.11 -22.55
C GLU B 160 -18.67 -5.09 -23.29
N MET C 1 27.68 7.14 33.15
CA MET C 1 27.64 8.48 32.58
C MET C 1 28.21 8.50 31.16
N LYS C 2 27.66 7.59 30.34
CA LYS C 2 27.85 7.61 28.90
C LYS C 2 26.66 8.31 28.27
N ILE C 3 26.95 9.19 27.30
CA ILE C 3 25.94 10.09 26.74
C ILE C 3 26.00 10.01 25.22
N VAL C 4 24.85 9.77 24.59
CA VAL C 4 24.73 9.77 23.14
C VAL C 4 23.79 10.90 22.75
N LEU C 5 24.24 11.76 21.83
CA LEU C 5 23.35 12.79 21.30
C LEU C 5 23.44 12.79 19.79
N VAL C 6 22.28 12.87 19.14
CA VAL C 6 22.21 12.85 17.68
C VAL C 6 21.67 14.18 17.20
N LEU C 7 22.39 14.80 16.26
CA LEU C 7 22.07 16.08 15.64
C LEU C 7 22.36 15.95 14.15
N TYR C 8 21.97 16.96 13.37
CA TYR C 8 22.35 16.86 11.97
C TYR C 8 23.79 17.34 11.75
N ASP C 9 24.32 17.02 10.57
CA ASP C 9 25.60 17.55 10.12
C ASP C 9 25.34 18.85 9.36
N ALA C 10 25.96 19.93 9.81
CA ALA C 10 25.83 21.23 9.19
C ALA C 10 26.91 21.50 8.14
N GLY C 11 27.95 20.67 8.09
CA GLY C 11 28.99 20.86 7.08
C GLY C 11 29.73 22.17 7.28
N LYS C 12 29.98 22.86 6.16
CA LYS C 12 30.75 24.11 6.21
C LYS C 12 29.99 25.23 6.92
N HIS C 13 28.68 25.11 7.09
CA HIS C 13 27.91 26.18 7.70
C HIS C 13 28.22 26.33 9.18
N ALA C 14 28.68 25.25 9.82
CA ALA C 14 28.98 25.30 11.25
C ALA C 14 30.14 26.25 11.56
N ALA C 15 31.12 26.33 10.67
CA ALA C 15 32.26 27.23 10.88
C ALA C 15 31.90 28.68 10.60
N ASP C 16 30.88 28.93 9.78
CA ASP C 16 30.46 30.29 9.49
C ASP C 16 29.80 30.97 10.69
N GLU C 17 29.21 30.18 11.61
CA GLU C 17 28.37 30.78 12.66
C GLU C 17 28.45 29.92 13.93
N GLU C 18 29.09 30.45 14.96
CA GLU C 18 29.31 29.70 16.20
C GLU C 18 28.05 29.54 17.04
N LYS C 19 27.02 30.36 16.82
CA LYS C 19 25.78 30.19 17.58
C LYS C 19 24.83 29.18 16.95
N LEU C 20 25.25 28.49 15.89
CA LEU C 20 24.52 27.36 15.33
C LEU C 20 24.79 26.13 16.21
N TYR C 21 24.20 26.14 17.41
CA TYR C 21 24.58 25.17 18.43
C TYR C 21 24.08 23.76 18.11
N GLY C 22 22.88 23.63 17.54
CA GLY C 22 22.26 22.33 17.36
C GLY C 22 22.73 21.56 16.15
N CYS C 23 24.02 21.29 16.07
CA CYS C 23 24.58 20.49 15.00
C CYS C 23 25.75 19.66 15.53
N THR C 24 26.11 18.64 14.75
CA THR C 24 27.14 17.69 15.16
C THR C 24 28.50 18.36 15.41
N GLU C 25 28.82 19.42 14.67
CA GLU C 25 30.12 20.08 14.79
C GLU C 25 30.24 20.90 16.07
N ASN C 26 29.15 21.55 16.51
CA ASN C 26 29.19 22.47 17.64
C ASN C 26 28.60 21.93 18.94
N LYS C 27 27.89 20.80 18.90
CA LYS C 27 27.61 19.98 20.09
C LYS C 27 26.90 20.75 21.20
N LEU C 28 25.95 21.60 20.83
CA LEU C 28 25.12 22.36 21.76
C LEU C 28 25.93 23.22 22.73
N GLY C 29 27.22 23.43 22.46
CA GLY C 29 28.06 24.28 23.29
C GLY C 29 28.43 23.75 24.66
N ILE C 30 28.33 22.43 24.89
CA ILE C 30 28.53 21.85 26.21
C ILE C 30 29.61 20.77 26.23
N ALA C 31 30.31 20.57 25.11
CA ALA C 31 31.29 19.49 25.05
C ALA C 31 32.42 19.68 26.07
N ASN C 32 33.01 20.88 26.13
CA ASN C 32 34.09 21.12 27.09
C ASN C 32 33.63 20.91 28.53
N TRP C 33 32.38 21.32 28.85
CA TRP C 33 31.86 21.14 30.21
C TRP C 33 31.69 19.67 30.56
N LEU C 34 31.16 18.86 29.62
CA LEU C 34 30.95 17.45 29.89
C LEU C 34 32.27 16.71 30.07
N LYS C 35 33.28 17.02 29.25
CA LYS C 35 34.61 16.41 29.37
C LYS C 35 35.30 16.78 30.70
N ASP C 36 35.23 18.06 31.08
CA ASP C 36 35.78 18.47 32.37
C ASP C 36 35.10 17.74 33.53
N GLN C 37 33.85 17.32 33.32
CA GLN C 37 33.05 16.69 34.36
C GLN C 37 33.27 15.18 34.44
N GLY C 38 34.03 14.60 33.52
CA GLY C 38 34.35 13.18 33.58
C GLY C 38 33.37 12.26 32.88
N HIS C 39 32.56 12.76 31.95
CA HIS C 39 31.59 11.96 31.22
C HIS C 39 32.09 11.68 29.82
N GLU C 40 31.55 10.63 29.21
CA GLU C 40 31.90 10.21 27.85
C GLU C 40 30.80 10.65 26.89
N LEU C 41 31.17 11.29 25.79
CA LEU C 41 30.20 11.91 24.88
C LEU C 41 30.37 11.37 23.46
N ILE C 42 29.36 10.64 22.97
CA ILE C 42 29.29 10.23 21.57
C ILE C 42 28.36 11.18 20.82
N THR C 43 28.83 11.73 19.71
CA THR C 43 28.06 12.64 18.87
C THR C 43 27.96 12.06 17.47
N THR C 44 26.74 11.88 16.96
CA THR C 44 26.60 11.33 15.61
C THR C 44 25.30 11.77 14.96
N SER C 45 25.31 11.79 13.63
CA SER C 45 24.10 11.99 12.85
C SER C 45 23.58 10.70 12.22
N ASP C 46 24.19 9.55 12.54
CA ASP C 46 23.90 8.27 11.88
C ASP C 46 22.91 7.48 12.74
N LYS C 47 21.60 7.60 12.41
CA LYS C 47 20.52 7.12 13.26
C LYS C 47 19.56 6.14 12.60
N GLU C 48 19.69 5.87 11.29
CA GLU C 48 18.78 4.97 10.57
C GLU C 48 19.52 3.71 10.14
N GLY C 49 18.85 2.56 10.27
CA GLY C 49 19.41 1.29 9.87
C GLY C 49 20.02 0.54 11.03
N GLY C 50 19.91 -0.80 11.04
CA GLY C 50 20.41 -1.58 12.17
C GLY C 50 21.91 -1.53 12.35
N ASN C 51 22.66 -1.00 11.38
CA ASN C 51 24.11 -0.90 11.42
C ASN C 51 24.59 0.49 11.81
N SER C 52 23.83 1.21 12.62
CA SER C 52 24.05 2.63 12.85
C SER C 52 24.81 2.86 14.14
N VAL C 53 25.58 3.97 14.15
CA VAL C 53 26.31 4.38 15.35
C VAL C 53 25.38 4.48 16.55
N LEU C 54 24.15 4.99 16.35
CA LEU C 54 23.21 5.06 17.45
C LEU C 54 22.91 3.68 18.01
N ASP C 55 22.60 2.73 17.12
CA ASP C 55 22.34 1.36 17.58
C ASP C 55 23.60 0.72 18.16
N GLN C 56 24.77 1.07 17.63
CA GLN C 56 26.03 0.55 18.17
C GLN C 56 26.23 0.89 19.64
N HIS C 57 25.68 2.01 20.12
CA HIS C 57 25.94 2.46 21.48
C HIS C 57 24.74 2.43 22.41
N ILE C 58 23.53 2.19 21.90
CA ILE C 58 22.35 2.24 22.75
C ILE C 58 22.34 1.17 23.84
N PRO C 59 22.83 -0.07 23.64
CA PRO C 59 22.79 -1.04 24.75
C PRO C 59 23.56 -0.57 25.97
N ASP C 60 24.44 0.42 25.79
CA ASP C 60 25.39 0.90 26.76
C ASP C 60 24.97 2.21 27.43
N ALA C 61 24.25 3.06 26.70
CA ALA C 61 24.16 4.47 27.05
C ALA C 61 23.34 4.70 28.32
N ASP C 62 23.79 5.69 29.12
CA ASP C 62 23.04 6.16 30.28
C ASP C 62 22.04 7.26 29.93
N ILE C 63 22.37 8.11 28.95
CA ILE C 63 21.58 9.28 28.60
C ILE C 63 21.56 9.41 27.09
N ILE C 64 20.41 9.78 26.54
CA ILE C 64 20.30 10.08 25.11
C ILE C 64 19.67 11.46 24.96
N ILE C 65 20.21 12.25 24.04
CA ILE C 65 19.78 13.63 23.82
C ILE C 65 19.36 13.75 22.37
N THR C 66 18.17 14.31 22.14
CA THR C 66 17.59 14.32 20.79
C THR C 66 17.18 15.74 20.39
N THR C 67 16.94 15.93 19.09
CA THR C 67 16.40 17.18 18.54
C THR C 67 15.25 16.92 17.58
N PRO C 68 14.19 17.73 17.61
CA PRO C 68 13.07 17.53 16.66
C PRO C 68 13.41 17.92 15.24
N PHE C 69 14.54 18.55 14.98
CA PHE C 69 14.93 18.86 13.61
C PHE C 69 15.79 17.78 12.98
N HIS C 70 16.04 16.66 13.69
CA HIS C 70 16.73 15.47 13.19
C HIS C 70 16.47 14.35 14.20
N PRO C 71 15.22 13.90 14.32
CA PRO C 71 14.84 13.08 15.49
C PRO C 71 15.33 11.64 15.41
N ALA C 72 15.95 11.17 16.49
CA ALA C 72 16.18 9.76 16.70
C ALA C 72 14.91 9.13 17.28
N TYR C 73 14.35 8.16 16.56
CA TYR C 73 13.10 7.53 16.97
C TYR C 73 13.36 6.50 18.06
N ILE C 74 12.82 6.76 19.24
CA ILE C 74 13.11 5.95 20.44
C ILE C 74 11.99 4.91 20.52
N THR C 75 12.13 3.85 19.72
CA THR C 75 11.12 2.81 19.60
C THR C 75 11.23 1.78 20.72
N LYS C 76 10.13 1.05 20.95
CA LYS C 76 10.13 -0.01 21.94
C LYS C 76 11.24 -1.03 21.69
N GLU C 77 11.48 -1.36 20.42
CA GLU C 77 12.58 -2.25 20.07
C GLU C 77 13.88 -1.73 20.64
N ARG C 78 14.23 -0.49 20.31
CA ARG C 78 15.40 0.15 20.89
C ARG C 78 15.29 0.28 22.41
N ILE C 79 14.09 0.52 22.94
CA ILE C 79 13.97 0.73 24.38
C ILE C 79 14.28 -0.56 25.15
N ASP C 80 13.89 -1.71 24.61
CA ASP C 80 14.18 -2.97 25.29
C ASP C 80 15.68 -3.26 25.31
N LYS C 81 16.40 -2.89 24.25
CA LYS C 81 17.83 -3.12 24.16
C LYS C 81 18.67 -2.11 24.93
N ALA C 82 18.06 -1.15 25.62
CA ALA C 82 18.81 -0.06 26.26
C ALA C 82 18.82 -0.31 27.76
N LYS C 83 19.79 -1.12 28.21
CA LYS C 83 19.75 -1.65 29.56
C LYS C 83 20.21 -0.66 30.62
N LYS C 84 20.90 0.41 30.26
CA LYS C 84 21.36 1.36 31.26
C LYS C 84 20.63 2.71 31.19
N LEU C 85 19.72 2.89 30.24
CA LEU C 85 19.09 4.17 29.98
C LEU C 85 18.26 4.66 31.17
N LYS C 86 18.53 5.89 31.62
CA LYS C 86 17.80 6.51 32.73
C LYS C 86 17.18 7.87 32.40
N LEU C 87 17.50 8.45 31.24
CA LEU C 87 17.10 9.84 30.99
C LEU C 87 17.17 10.12 29.48
N VAL C 88 16.09 10.67 28.94
CA VAL C 88 16.01 11.13 27.56
C VAL C 88 15.67 12.62 27.58
N VAL C 89 16.45 13.43 26.85
CA VAL C 89 16.28 14.88 26.79
C VAL C 89 15.91 15.27 25.36
N VAL C 90 14.99 16.22 25.22
CA VAL C 90 14.72 16.89 23.94
C VAL C 90 15.32 18.29 24.00
N ALA C 91 16.28 18.58 23.14
CA ALA C 91 16.91 19.90 23.13
C ALA C 91 16.08 20.81 22.23
N GLY C 92 14.95 21.24 22.78
CA GLY C 92 13.86 21.86 22.05
C GLY C 92 12.52 21.39 22.62
N VAL C 93 11.47 21.42 21.79
CA VAL C 93 10.12 21.05 22.20
C VAL C 93 9.50 20.12 21.14
N GLY C 94 8.88 19.03 21.59
CA GLY C 94 8.30 18.05 20.67
C GLY C 94 8.81 16.65 20.90
N SER C 95 7.92 15.73 21.27
CA SER C 95 8.34 14.40 21.70
C SER C 95 7.58 13.29 20.97
N ASP C 96 7.08 13.57 19.77
CA ASP C 96 6.37 12.54 18.99
C ASP C 96 7.29 11.37 18.61
N HIS C 97 8.60 11.57 18.58
CA HIS C 97 9.54 10.53 18.18
C HIS C 97 9.90 9.56 19.31
N ILE C 98 9.22 9.63 20.45
CA ILE C 98 9.50 8.82 21.63
C ILE C 98 8.24 8.06 22.03
N ASP C 99 8.38 6.78 22.40
CA ASP C 99 7.21 5.97 22.75
C ASP C 99 6.90 6.13 24.23
N LEU C 100 6.25 7.25 24.56
CA LEU C 100 5.92 7.54 25.95
C LEU C 100 4.92 6.54 26.52
N ASP C 101 3.96 6.10 25.71
CA ASP C 101 2.98 5.11 26.17
C ASP C 101 3.67 3.83 26.62
N TYR C 102 4.57 3.30 25.80
CA TYR C 102 5.26 2.07 26.17
C TYR C 102 5.99 2.24 27.50
N ILE C 103 6.80 3.29 27.64
CA ILE C 103 7.54 3.52 28.87
C ILE C 103 6.58 3.58 30.06
N ASN C 104 5.48 4.32 29.90
CA ASN C 104 4.57 4.54 31.02
C ASN C 104 3.78 3.27 31.36
N GLN C 105 3.33 2.53 30.35
CA GLN C 105 2.54 1.33 30.62
C GLN C 105 3.41 0.21 31.20
N THR C 106 4.63 0.02 30.67
CA THR C 106 5.55 -0.97 31.21
C THR C 106 6.08 -0.60 32.59
N GLY C 107 6.04 0.68 32.95
CA GLY C 107 6.57 1.12 34.23
C GLY C 107 8.07 1.24 34.30
N LYS C 108 8.76 1.40 33.16
CA LYS C 108 10.21 1.57 33.17
C LYS C 108 10.59 2.84 33.95
N LYS C 109 11.82 2.85 34.45
CA LYS C 109 12.32 3.96 35.27
C LYS C 109 13.15 4.93 34.42
N ILE C 110 12.48 5.58 33.47
CA ILE C 110 13.11 6.50 32.55
C ILE C 110 12.41 7.85 32.66
N SER C 111 13.18 8.90 32.93
CA SER C 111 12.67 10.26 32.92
C SER C 111 12.78 10.84 31.51
N VAL C 112 11.82 11.68 31.15
CA VAL C 112 11.78 12.33 29.83
C VAL C 112 11.49 13.81 30.03
N LEU C 113 12.37 14.67 29.52
CA LEU C 113 12.29 16.12 29.74
C LEU C 113 12.52 16.89 28.44
N GLU C 114 11.90 18.08 28.34
CA GLU C 114 12.11 19.00 27.22
C GLU C 114 12.22 20.43 27.76
N VAL C 115 12.62 21.36 26.89
CA VAL C 115 12.86 22.76 27.31
C VAL C 115 11.63 23.57 26.93
N THR C 116 10.55 23.39 27.71
CA THR C 116 9.29 23.95 27.26
C THR C 116 9.30 25.48 27.39
N GLY C 117 8.71 26.14 26.39
CA GLY C 117 8.70 27.58 26.30
C GLY C 117 9.70 28.16 25.32
N SER C 118 10.77 27.43 24.99
CA SER C 118 11.91 27.99 24.26
C SER C 118 11.66 28.19 22.77
N ASN C 119 10.58 27.64 22.22
CA ASN C 119 10.30 27.71 20.78
C ASN C 119 9.09 28.57 20.43
N VAL C 120 8.29 28.99 21.42
CA VAL C 120 6.93 29.47 21.18
C VAL C 120 6.92 30.82 20.47
N VAL C 121 7.75 31.76 20.91
CA VAL C 121 7.81 33.09 20.27
C VAL C 121 8.26 32.95 18.81
N SER C 122 9.29 32.14 18.56
CA SER C 122 9.81 32.01 17.19
C SER C 122 8.74 31.50 16.22
N VAL C 123 7.95 30.50 16.65
CA VAL C 123 6.91 29.96 15.76
C VAL C 123 5.80 30.98 15.54
N ALA C 124 5.36 31.65 16.62
CA ALA C 124 4.32 32.67 16.51
C ALA C 124 4.70 33.79 15.54
N GLU C 125 5.96 34.26 15.59
CA GLU C 125 6.41 35.26 14.61
C GLU C 125 6.33 34.72 13.19
N HIS C 126 6.68 33.45 12.99
CA HIS C 126 6.63 32.87 11.64
C HIS C 126 5.20 32.82 11.09
N VAL C 127 4.20 32.58 11.96
CA VAL C 127 2.80 32.64 11.53
C VAL C 127 2.42 34.04 11.06
N LEU C 128 2.72 35.06 11.87
CA LEU C 128 2.44 36.45 11.47
C LEU C 128 3.11 36.79 10.13
N MET C 129 4.40 36.45 9.99
CA MET C 129 5.12 36.67 8.73
C MET C 129 4.42 36.00 7.54
N THR C 130 4.00 34.73 7.69
CA THR C 130 3.38 34.03 6.56
C THR C 130 2.01 34.62 6.19
N MET C 131 1.20 35.01 7.19
CA MET C 131 -0.09 35.64 6.89
C MET C 131 0.09 36.92 6.08
N LEU C 132 1.03 37.80 6.48
CA LEU C 132 1.25 39.04 5.74
C LEU C 132 1.76 38.77 4.31
N VAL C 133 2.69 37.82 4.16
CA VAL C 133 3.24 37.51 2.83
C VAL C 133 2.14 37.03 1.87
N LEU C 134 1.24 36.16 2.34
CA LEU C 134 0.15 35.66 1.49
C LEU C 134 -0.91 36.74 1.20
N VAL C 135 -1.41 37.40 2.24
CA VAL C 135 -2.51 38.35 2.07
C VAL C 135 -2.08 39.51 1.17
N ARG C 136 -0.83 39.99 1.30
CA ARG C 136 -0.33 41.13 0.54
C ARG C 136 0.36 40.75 -0.78
N ASN C 137 0.45 39.44 -1.10
CA ASN C 137 0.93 38.96 -2.41
C ASN C 137 2.41 39.30 -2.65
N PHE C 138 3.25 39.05 -1.63
CA PHE C 138 4.66 39.46 -1.67
C PHE C 138 5.50 38.61 -2.63
N VAL C 139 5.31 37.28 -2.66
CA VAL C 139 6.23 36.41 -3.40
C VAL C 139 6.30 36.77 -4.89
N PRO C 140 5.19 36.89 -5.62
CA PRO C 140 5.32 37.28 -7.03
C PRO C 140 5.86 38.69 -7.24
N ALA C 141 5.70 39.58 -6.24
CA ALA C 141 6.23 40.93 -6.37
C ALA C 141 7.76 40.94 -6.28
N HIS C 142 8.34 40.19 -5.36
CA HIS C 142 9.80 40.10 -5.32
C HIS C 142 10.34 39.39 -6.56
N GLU C 143 9.59 38.42 -7.11
CA GLU C 143 10.00 37.70 -8.31
C GLU C 143 10.16 38.65 -9.50
N GLN C 144 9.22 39.59 -9.68
CA GLN C 144 9.34 40.54 -10.78
C GLN C 144 10.67 41.29 -10.75
N ILE C 145 11.15 41.64 -9.56
CA ILE C 145 12.34 42.49 -9.51
C ILE C 145 13.61 41.70 -9.79
N ILE C 146 13.74 40.52 -9.16
CA ILE C 146 14.86 39.62 -9.42
C ILE C 146 14.97 39.30 -10.90
N ASN C 147 13.84 39.23 -11.59
CA ASN C 147 13.76 38.83 -12.99
C ASN C 147 13.81 40.02 -13.95
N HIS C 148 13.96 41.23 -13.43
CA HIS C 148 14.16 42.46 -14.22
C HIS C 148 12.90 42.94 -14.92
N ASP C 149 11.72 42.68 -14.32
CA ASP C 149 10.40 43.13 -14.79
C ASP C 149 9.88 44.29 -13.93
N TRP C 150 8.71 44.83 -14.32
CA TRP C 150 8.01 45.85 -13.55
C TRP C 150 6.58 45.97 -14.10
N GLU C 151 5.60 45.39 -13.40
CA GLU C 151 4.22 45.43 -13.91
C GLU C 151 3.26 45.40 -12.71
N VAL C 152 2.87 46.59 -12.24
CA VAL C 152 2.21 46.73 -10.94
C VAL C 152 0.82 46.09 -10.96
N ALA C 153 0.04 46.33 -12.03
CA ALA C 153 -1.31 45.78 -12.12
C ALA C 153 -1.37 44.26 -11.93
N ALA C 154 -0.31 43.53 -12.31
CA ALA C 154 -0.33 42.08 -12.15
C ALA C 154 -0.21 41.65 -10.68
N ILE C 155 0.35 42.50 -9.81
CA ILE C 155 0.47 42.21 -8.39
C ILE C 155 -0.74 42.73 -7.62
N ALA C 156 -1.11 43.98 -7.90
CA ALA C 156 -2.19 44.64 -7.17
C ALA C 156 -3.51 43.91 -7.28
N LYS C 157 -3.73 43.16 -8.37
CA LYS C 157 -5.04 42.57 -8.61
C LYS C 157 -5.37 41.43 -7.63
N ASP C 158 -4.39 40.93 -6.87
CA ASP C 158 -4.67 39.92 -5.85
C ASP C 158 -4.02 40.27 -4.50
N ALA C 159 -3.90 41.56 -4.17
CA ALA C 159 -3.30 42.01 -2.92
C ALA C 159 -4.33 42.72 -2.05
N TYR C 160 -4.32 42.41 -0.74
CA TYR C 160 -5.28 42.91 0.25
C TYR C 160 -4.55 43.43 1.48
N ASP C 161 -5.27 44.17 2.34
CA ASP C 161 -4.80 44.48 3.69
C ASP C 161 -5.30 43.41 4.67
N ILE C 162 -4.53 43.19 5.74
CA ILE C 162 -5.02 42.26 6.77
C ILE C 162 -6.03 42.94 7.70
N GLU C 163 -6.01 44.27 7.79
CA GLU C 163 -7.03 45.02 8.51
C GLU C 163 -8.42 44.64 7.99
N GLY C 164 -9.36 44.45 8.93
CA GLY C 164 -10.74 44.14 8.59
C GLY C 164 -11.05 42.69 8.26
N LYS C 165 -10.08 41.78 8.37
CA LYS C 165 -10.32 40.37 8.09
C LYS C 165 -10.70 39.65 9.39
N THR C 166 -11.45 38.55 9.25
CA THR C 166 -11.77 37.66 10.37
C THR C 166 -10.77 36.50 10.40
N ILE C 167 -10.17 36.26 11.57
CA ILE C 167 -9.02 35.36 11.70
C ILE C 167 -9.29 34.35 12.81
N ALA C 168 -9.06 33.07 12.52
CA ALA C 168 -9.37 31.96 13.44
C ALA C 168 -8.16 31.04 13.63
N THR C 169 -7.93 30.60 14.87
CA THR C 169 -6.90 29.61 15.18
C THR C 169 -7.52 28.30 15.65
N ILE C 170 -7.02 27.18 15.10
CA ILE C 170 -7.39 25.84 15.56
C ILE C 170 -6.32 25.44 16.57
N GLY C 171 -6.67 25.49 17.86
CA GLY C 171 -5.69 25.35 18.93
C GLY C 171 -5.34 26.67 19.57
N ALA C 172 -5.42 26.75 20.91
CA ALA C 172 -5.14 27.99 21.64
C ALA C 172 -4.27 27.70 22.87
N GLY C 173 -3.24 26.88 22.68
CA GLY C 173 -2.18 26.72 23.67
C GLY C 173 -1.17 27.85 23.58
N ARG C 174 0.07 27.55 23.97
CA ARG C 174 1.10 28.59 24.07
C ARG C 174 1.33 29.31 22.73
N ILE C 175 1.39 28.57 21.62
CA ILE C 175 1.74 29.21 20.34
C ILE C 175 0.55 29.98 19.79
N GLY C 176 -0.63 29.36 19.76
CA GLY C 176 -1.82 30.04 19.25
C GLY C 176 -2.23 31.26 20.07
N TYR C 177 -2.05 31.24 21.38
CA TYR C 177 -2.36 32.45 22.14
C TYR C 177 -1.40 33.59 21.80
N ARG C 178 -0.13 33.27 21.56
CA ARG C 178 0.83 34.31 21.21
C ARG C 178 0.63 34.84 19.80
N VAL C 179 0.06 34.04 18.88
CA VAL C 179 -0.38 34.57 17.59
C VAL C 179 -1.51 35.60 17.78
N LEU C 180 -2.51 35.26 18.60
CA LEU C 180 -3.60 36.19 18.86
C LEU C 180 -3.10 37.51 19.45
N GLU C 181 -2.15 37.44 20.40
CA GLU C 181 -1.61 38.67 21.01
C GLU C 181 -1.00 39.60 19.96
N ARG C 182 -0.20 39.06 19.04
CA ARG C 182 0.45 39.92 18.05
C ARG C 182 -0.52 40.45 17.00
N LEU C 183 -1.69 39.83 16.82
CA LEU C 183 -2.66 40.33 15.84
C LEU C 183 -3.53 41.49 16.35
N VAL C 184 -3.65 41.70 17.65
CA VAL C 184 -4.56 42.73 18.19
C VAL C 184 -4.38 44.11 17.56
N PRO C 185 -3.17 44.70 17.51
CA PRO C 185 -3.05 46.04 16.92
C PRO C 185 -3.19 46.11 15.40
N PHE C 186 -3.34 44.99 14.67
CA PHE C 186 -3.59 45.07 13.24
C PHE C 186 -5.06 45.33 12.88
N ASN C 187 -5.93 45.51 13.87
CA ASN C 187 -7.36 45.83 13.71
C ASN C 187 -8.14 44.82 12.87
N PRO C 188 -8.13 43.53 13.20
CA PRO C 188 -9.01 42.58 12.49
C PRO C 188 -10.46 42.86 12.80
N LYS C 189 -11.35 42.30 11.98
CA LYS C 189 -12.78 42.37 12.28
C LYS C 189 -13.11 41.62 13.57
N GLU C 190 -12.61 40.38 13.70
CA GLU C 190 -12.79 39.62 14.94
C GLU C 190 -11.73 38.53 15.01
N LEU C 191 -11.36 38.15 16.23
CA LEU C 191 -10.48 37.00 16.49
C LEU C 191 -11.28 35.86 17.11
N LEU C 192 -11.06 34.62 16.61
CA LEU C 192 -11.82 33.43 17.01
C LEU C 192 -10.87 32.26 17.30
N TYR C 193 -11.29 31.34 18.19
CA TYR C 193 -10.51 30.13 18.45
C TYR C 193 -11.40 28.92 18.68
N TYR C 194 -10.82 27.74 18.38
CA TYR C 194 -11.39 26.43 18.66
C TYR C 194 -10.37 25.60 19.46
N ASP C 195 -10.81 24.97 20.54
CA ASP C 195 -9.92 24.18 21.39
C ASP C 195 -10.74 23.22 22.25
N TYR C 196 -10.14 22.06 22.57
CA TYR C 196 -10.83 21.10 23.45
C TYR C 196 -11.03 21.67 24.87
N GLN C 197 -10.30 22.69 25.28
CA GLN C 197 -10.60 23.33 26.56
C GLN C 197 -10.60 24.85 26.41
N ALA C 198 -11.43 25.50 27.25
CA ALA C 198 -11.61 26.94 27.15
C ALA C 198 -10.39 27.69 27.66
N LEU C 199 -10.13 28.85 27.05
CA LEU C 199 -9.24 29.82 27.65
C LEU C 199 -9.92 30.44 28.88
N PRO C 200 -9.14 30.80 29.91
CA PRO C 200 -9.72 31.54 31.03
C PRO C 200 -10.31 32.87 30.56
N LYS C 201 -11.29 33.38 31.34
CA LYS C 201 -12.04 34.55 30.90
C LYS C 201 -11.16 35.79 30.81
N ASP C 202 -10.20 35.95 31.73
CA ASP C 202 -9.26 37.07 31.68
C ASP C 202 -8.41 37.04 30.41
N ALA C 203 -8.00 35.85 29.98
CA ALA C 203 -7.15 35.73 28.79
C ALA C 203 -7.95 35.99 27.53
N GLU C 204 -9.20 35.50 27.47
CA GLU C 204 -10.08 35.82 26.35
C GLU C 204 -10.24 37.32 26.18
N GLU C 205 -10.50 38.04 27.28
CA GLU C 205 -10.82 39.45 27.19
C GLU C 205 -9.60 40.32 26.84
N LYS C 206 -8.40 39.91 27.25
CA LYS C 206 -7.19 40.68 26.90
C LYS C 206 -7.02 40.80 25.39
N VAL C 207 -7.37 39.77 24.63
CA VAL C 207 -7.20 39.79 23.17
C VAL C 207 -8.52 39.89 22.42
N GLY C 208 -9.65 39.98 23.12
CA GLY C 208 -10.94 40.06 22.44
C GLY C 208 -11.33 38.82 21.65
N ALA C 209 -10.97 37.63 22.11
CA ALA C 209 -11.24 36.42 21.34
C ALA C 209 -12.57 35.77 21.76
N ARG C 210 -13.20 35.07 20.82
CA ARG C 210 -14.47 34.38 21.03
C ARG C 210 -14.30 32.89 20.72
N ARG C 211 -14.70 32.03 21.66
CA ARG C 211 -14.64 30.59 21.46
C ARG C 211 -15.78 30.12 20.56
N VAL C 212 -15.46 29.31 19.56
CA VAL C 212 -16.45 28.66 18.70
C VAL C 212 -16.34 27.15 18.92
N GLU C 213 -17.47 26.50 19.19
CA GLU C 213 -17.44 25.14 19.70
C GLU C 213 -17.53 24.06 18.61
N ASN C 214 -17.75 24.44 17.36
CA ASN C 214 -17.95 23.52 16.25
C ASN C 214 -16.97 23.87 15.13
N ILE C 215 -16.15 22.91 14.70
CA ILE C 215 -15.05 23.22 13.79
C ILE C 215 -15.55 23.79 12.47
N GLU C 216 -16.66 23.24 11.96
CA GLU C 216 -17.16 23.69 10.66
C GLU C 216 -17.77 25.09 10.75
N GLU C 217 -18.41 25.41 11.88
CA GLU C 217 -18.90 26.77 12.13
C GLU C 217 -17.74 27.77 12.21
N LEU C 218 -16.60 27.35 12.77
CA LEU C 218 -15.42 28.22 12.86
C LEU C 218 -14.89 28.59 11.48
N VAL C 219 -14.59 27.59 10.63
CA VAL C 219 -13.90 27.89 9.37
C VAL C 219 -14.85 28.57 8.37
N ALA C 220 -16.16 28.35 8.49
CA ALA C 220 -17.10 28.94 7.53
C ALA C 220 -17.17 30.45 7.61
N GLN C 221 -16.81 31.06 8.74
CA GLN C 221 -16.88 32.52 8.88
C GLN C 221 -15.51 33.22 8.82
N ALA C 222 -14.41 32.50 8.60
CA ALA C 222 -13.07 33.05 8.68
C ALA C 222 -12.48 33.39 7.30
N ASP C 223 -11.79 34.54 7.21
CA ASP C 223 -10.99 34.84 6.02
C ASP C 223 -9.62 34.18 6.08
N ILE C 224 -9.06 34.02 7.27
CA ILE C 224 -7.73 33.45 7.48
C ILE C 224 -7.84 32.39 8.58
N VAL C 225 -7.25 31.22 8.34
CA VAL C 225 -7.21 30.12 9.32
C VAL C 225 -5.76 29.73 9.59
N THR C 226 -5.41 29.54 10.88
CA THR C 226 -4.07 29.09 11.27
C THR C 226 -4.18 27.88 12.20
N ILE C 227 -3.32 26.88 11.99
CA ILE C 227 -3.36 25.62 12.73
C ILE C 227 -2.22 25.59 13.75
N ASN C 228 -2.59 25.44 15.03
CA ASN C 228 -1.62 25.41 16.12
C ASN C 228 -2.03 24.32 17.13
N ALA C 229 -2.03 23.06 16.69
CA ALA C 229 -2.63 21.95 17.45
C ALA C 229 -1.74 20.71 17.41
N PRO C 230 -1.87 19.81 18.39
CA PRO C 230 -1.10 18.56 18.37
C PRO C 230 -1.72 17.53 17.42
N LEU C 231 -0.89 16.51 17.07
CA LEU C 231 -1.29 15.41 16.18
C LEU C 231 -1.73 14.18 16.98
N HIS C 232 -2.98 13.73 16.77
CA HIS C 232 -3.53 12.50 17.36
C HIS C 232 -4.78 12.11 16.55
N ALA C 233 -5.50 11.09 17.00
CA ALA C 233 -6.74 10.74 16.31
C ALA C 233 -7.70 11.92 16.39
N GLY C 234 -8.48 12.13 15.34
CA GLY C 234 -9.34 13.30 15.41
C GLY C 234 -8.67 14.63 15.11
N THR C 235 -7.34 14.70 15.05
CA THR C 235 -6.71 15.74 14.27
C THR C 235 -5.95 15.23 13.03
N LYS C 236 -5.55 13.96 12.99
CA LYS C 236 -4.91 13.40 11.80
C LYS C 236 -5.85 13.39 10.60
N GLY C 237 -5.42 13.98 9.49
CA GLY C 237 -6.25 14.07 8.30
C GLY C 237 -7.47 14.97 8.43
N LEU C 238 -7.48 15.89 9.39
CA LEU C 238 -8.62 16.79 9.56
C LEU C 238 -8.88 17.66 8.34
N ILE C 239 -7.83 18.23 7.73
CA ILE C 239 -8.01 19.17 6.62
C ILE C 239 -8.10 18.34 5.34
N ASN C 240 -9.31 17.87 5.04
CA ASN C 240 -9.55 17.07 3.84
C ASN C 240 -10.52 17.80 2.91
N LYS C 241 -10.84 17.14 1.79
CA LYS C 241 -11.66 17.78 0.77
C LYS C 241 -13.04 18.18 1.30
N GLU C 242 -13.62 17.36 2.19
CA GLU C 242 -14.95 17.68 2.69
C GLU C 242 -14.94 18.93 3.56
N LEU C 243 -14.00 19.00 4.53
CA LEU C 243 -13.97 20.18 5.39
C LEU C 243 -13.55 21.42 4.61
N LEU C 244 -12.63 21.26 3.64
CA LEU C 244 -12.17 22.40 2.85
C LEU C 244 -13.31 23.06 2.08
N SER C 245 -14.34 22.28 1.70
CA SER C 245 -15.48 22.85 0.99
C SER C 245 -16.38 23.69 1.90
N LYS C 246 -16.14 23.68 3.22
CA LYS C 246 -16.85 24.58 4.13
C LYS C 246 -16.15 25.93 4.32
N PHE C 247 -14.88 26.07 3.90
CA PHE C 247 -14.17 27.35 3.97
C PHE C 247 -14.86 28.38 3.10
N LYS C 248 -14.71 29.67 3.45
CA LYS C 248 -15.08 30.71 2.51
C LYS C 248 -14.30 30.53 1.21
N LYS C 249 -14.85 31.04 0.11
CA LYS C 249 -14.15 30.97 -1.16
C LYS C 249 -13.05 32.03 -1.19
N GLY C 250 -11.85 31.63 -1.59
CA GLY C 250 -10.71 32.52 -1.65
C GLY C 250 -10.02 32.95 -0.36
N PRO C 251 -10.00 32.10 0.71
CA PRO C 251 -9.19 32.47 1.87
C PRO C 251 -7.81 31.83 1.94
N TRP C 252 -7.12 32.16 3.01
CA TRP C 252 -5.73 31.81 3.22
C TRP C 252 -5.61 30.86 4.40
N LEU C 253 -4.75 29.84 4.28
CA LEU C 253 -4.53 28.84 5.32
C LEU C 253 -3.04 28.72 5.64
N VAL C 254 -2.70 28.72 6.95
CA VAL C 254 -1.31 28.65 7.45
C VAL C 254 -1.18 27.47 8.43
N ASN C 255 -0.11 26.69 8.31
CA ASN C 255 0.11 25.52 9.17
C ASN C 255 1.58 25.39 9.56
N PRO C 256 1.98 25.77 10.82
CA PRO C 256 3.34 25.45 11.27
C PRO C 256 3.32 24.46 12.43
N ALA C 257 2.29 23.60 12.47
CA ALA C 257 2.13 22.61 13.55
C ALA C 257 2.65 21.23 13.13
N ARG C 258 1.84 20.42 12.43
CA ARG C 258 2.29 19.13 11.90
C ARG C 258 1.69 18.89 10.51
N GLY C 259 2.53 18.39 9.58
CA GLY C 259 2.08 18.22 8.21
C GLY C 259 0.89 17.28 8.07
N ALA C 260 0.90 16.16 8.81
CA ALA C 260 -0.13 15.13 8.65
C ALA C 260 -1.51 15.56 9.13
N ILE C 261 -1.67 16.78 9.66
CA ILE C 261 -3.01 17.29 9.97
C ILE C 261 -3.78 17.60 8.69
N CYS C 262 -3.07 17.81 7.56
CA CYS C 262 -3.66 18.02 6.24
C CYS C 262 -3.55 16.77 5.38
N VAL C 263 -4.47 16.63 4.43
CA VAL C 263 -4.31 15.69 3.32
C VAL C 263 -3.65 16.45 2.18
N ALA C 264 -2.39 16.12 1.89
CA ALA C 264 -1.55 16.98 1.04
C ALA C 264 -2.17 17.22 -0.33
N GLU C 265 -2.61 16.15 -1.00
CA GLU C 265 -3.19 16.29 -2.33
C GLU C 265 -4.48 17.10 -2.33
N ASP C 266 -5.25 17.04 -1.23
CA ASP C 266 -6.52 17.78 -1.14
C ASP C 266 -6.30 19.30 -1.01
N VAL C 267 -5.34 19.75 -0.19
CA VAL C 267 -5.13 21.21 -0.17
C VAL C 267 -4.57 21.72 -1.50
N ALA C 268 -3.73 20.93 -2.20
CA ALA C 268 -3.22 21.36 -3.50
C ALA C 268 -4.35 21.54 -4.52
N ALA C 269 -5.33 20.62 -4.53
CA ALA C 269 -6.47 20.75 -5.43
C ALA C 269 -7.33 21.98 -5.07
N ALA C 270 -7.51 22.24 -3.76
CA ALA C 270 -8.25 23.42 -3.34
C ALA C 270 -7.57 24.72 -3.78
N LEU C 271 -6.22 24.78 -3.71
CA LEU C 271 -5.51 25.98 -4.18
C LEU C 271 -5.70 26.20 -5.68
N GLU C 272 -5.58 25.12 -6.49
CA GLU C 272 -5.71 25.25 -7.93
C GLU C 272 -7.12 25.66 -8.34
N SER C 273 -8.14 25.18 -7.63
CA SER C 273 -9.51 25.52 -8.00
C SER C 273 -9.95 26.91 -7.52
N GLY C 274 -9.22 27.53 -6.59
CA GLY C 274 -9.68 28.79 -6.03
C GLY C 274 -10.49 28.68 -4.74
N GLN C 275 -10.76 27.48 -4.24
CA GLN C 275 -11.35 27.36 -2.91
C GLN C 275 -10.44 28.02 -1.86
N LEU C 276 -9.12 27.84 -1.99
CA LEU C 276 -8.10 28.60 -1.26
C LEU C 276 -7.39 29.55 -2.22
N ARG C 277 -7.09 30.76 -1.74
CA ARG C 277 -6.29 31.74 -2.48
C ARG C 277 -4.79 31.64 -2.17
N GLY C 278 -4.41 31.06 -1.02
CA GLY C 278 -3.01 30.82 -0.73
C GLY C 278 -2.86 29.88 0.45
N TYR C 279 -1.68 29.24 0.51
CA TYR C 279 -1.31 28.29 1.57
C TYR C 279 0.17 28.50 1.88
N GLY C 280 0.55 28.39 3.16
CA GLY C 280 1.95 28.56 3.56
C GLY C 280 2.23 27.91 4.89
N GLY C 281 3.51 27.83 5.26
CA GLY C 281 3.93 27.18 6.49
C GLY C 281 5.25 26.45 6.27
N ASP C 282 5.69 25.72 7.30
CA ASP C 282 7.01 25.08 7.25
C ASP C 282 7.01 23.62 7.67
N VAL C 283 5.85 22.96 7.77
CA VAL C 283 5.79 21.56 8.19
C VAL C 283 5.21 20.68 7.08
N TRP C 284 5.73 19.45 6.97
CA TRP C 284 5.48 18.57 5.82
C TRP C 284 5.23 17.14 6.29
N PHE C 285 4.55 16.36 5.43
CA PHE C 285 4.50 14.90 5.60
C PHE C 285 4.57 14.23 4.22
N PRO C 286 5.51 13.30 4.00
CA PRO C 286 6.64 12.93 4.88
C PRO C 286 7.66 14.08 5.00
N GLN C 287 8.57 14.03 5.98
CA GLN C 287 9.51 15.12 6.28
C GLN C 287 10.87 14.49 6.57
N PRO C 288 11.96 14.92 5.91
CA PRO C 288 12.06 16.02 4.92
C PRO C 288 11.27 15.76 3.64
N ALA C 289 10.85 16.81 2.97
CA ALA C 289 9.94 16.66 1.85
C ALA C 289 10.62 15.98 0.67
N PRO C 290 10.04 14.89 0.11
CA PRO C 290 10.55 14.37 -1.17
C PRO C 290 10.58 15.44 -2.24
N LYS C 291 11.46 15.23 -3.21
CA LYS C 291 11.68 16.20 -4.28
C LYS C 291 10.43 16.42 -5.12
N ASP C 292 9.51 15.45 -5.14
CA ASP C 292 8.27 15.56 -5.90
C ASP C 292 7.03 15.79 -5.02
N HIS C 293 7.20 16.11 -3.74
CA HIS C 293 6.04 16.40 -2.89
C HIS C 293 5.15 17.44 -3.58
N PRO C 294 3.83 17.28 -3.56
CA PRO C 294 2.97 18.22 -4.31
C PRO C 294 2.98 19.66 -3.78
N TRP C 295 3.36 19.88 -2.52
CA TRP C 295 3.34 21.26 -2.02
C TRP C 295 4.47 22.10 -2.60
N ARG C 296 5.48 21.50 -3.26
CA ARG C 296 6.56 22.29 -3.84
C ARG C 296 6.09 23.09 -5.06
N ASP C 297 5.35 22.45 -5.98
CA ASP C 297 5.00 23.09 -7.25
C ASP C 297 3.58 23.66 -7.33
N MET C 298 2.68 23.41 -6.36
CA MET C 298 1.31 23.91 -6.48
C MET C 298 1.26 25.44 -6.51
N ARG C 299 0.35 25.99 -7.31
CA ARG C 299 0.09 27.44 -7.35
C ARG C 299 -1.41 27.69 -7.50
N ASN C 300 -1.83 28.95 -7.28
CA ASN C 300 -3.18 29.37 -7.63
C ASN C 300 -3.25 29.75 -9.11
N LYS C 301 -4.42 30.24 -9.56
CA LYS C 301 -4.64 30.48 -10.98
C LYS C 301 -3.74 31.57 -11.55
N TYR C 302 -3.23 32.45 -10.71
CA TYR C 302 -2.33 33.50 -11.17
C TYR C 302 -0.86 33.11 -11.07
N GLY C 303 -0.54 31.90 -10.61
CA GLY C 303 0.84 31.50 -10.50
C GLY C 303 1.52 31.83 -9.18
N ALA C 304 0.77 32.22 -8.16
CA ALA C 304 1.29 32.56 -6.84
C ALA C 304 0.54 31.81 -5.75
N GLY C 305 0.33 32.45 -4.59
CA GLY C 305 -0.36 31.82 -3.47
C GLY C 305 0.40 30.69 -2.78
N ASN C 306 1.72 30.63 -2.91
CA ASN C 306 2.54 29.59 -2.28
C ASN C 306 3.64 30.25 -1.44
N ALA C 307 3.63 30.01 -0.12
CA ALA C 307 4.66 30.55 0.76
C ALA C 307 5.28 29.47 1.65
N MET C 308 5.56 28.28 1.10
CA MET C 308 6.21 27.20 1.84
C MET C 308 7.69 27.49 2.09
N THR C 309 8.21 26.99 3.22
CA THR C 309 9.64 26.96 3.53
C THR C 309 9.97 25.58 4.05
N PRO C 310 11.26 25.22 4.12
CA PRO C 310 11.64 24.01 4.87
C PRO C 310 11.39 24.22 6.35
N HIS C 311 11.54 23.15 7.12
CA HIS C 311 11.16 23.17 8.53
C HIS C 311 12.28 23.82 9.36
N TYR C 312 12.11 25.12 9.70
CA TYR C 312 13.17 25.87 10.38
C TYR C 312 12.69 26.95 11.34
N SER C 313 11.38 27.16 11.53
CA SER C 313 10.93 28.33 12.30
C SER C 313 11.48 28.31 13.73
N GLY C 314 11.55 27.15 14.35
CA GLY C 314 12.05 27.05 15.71
C GLY C 314 13.56 26.90 15.83
N THR C 315 14.32 27.28 14.79
CA THR C 315 15.75 27.06 14.83
C THR C 315 16.56 28.34 14.59
N THR C 316 15.95 29.52 14.81
CA THR C 316 16.69 30.77 14.74
C THR C 316 17.80 30.77 15.80
N LEU C 317 18.79 31.65 15.61
CA LEU C 317 19.93 31.68 16.54
C LEU C 317 19.50 32.08 17.94
N ASP C 318 18.44 32.89 18.08
CA ASP C 318 17.96 33.21 19.42
C ASP C 318 17.36 31.98 20.11
N ALA C 319 16.67 31.11 19.34
CA ALA C 319 16.08 29.91 19.95
C ALA C 319 17.15 28.88 20.27
N GLN C 320 18.19 28.77 19.44
CA GLN C 320 19.26 27.80 19.68
C GLN C 320 20.01 28.07 20.98
N THR C 321 20.21 29.35 21.31
CA THR C 321 20.87 29.68 22.57
C THR C 321 20.02 29.27 23.77
N ARG C 322 18.70 29.43 23.67
CA ARG C 322 17.83 29.05 24.78
C ARG C 322 17.88 27.54 25.04
N TYR C 323 17.94 26.71 24.01
CA TYR C 323 17.93 25.34 24.51
C TYR C 323 19.31 24.73 24.69
N ALA C 324 20.38 25.39 24.26
CA ALA C 324 21.69 25.05 24.80
C ALA C 324 21.72 25.25 26.32
N GLU C 325 21.26 26.42 26.77
CA GLU C 325 21.23 26.68 28.22
C GLU C 325 20.26 25.74 28.95
N GLY C 326 19.09 25.49 28.35
CA GLY C 326 18.13 24.61 28.99
C GLY C 326 18.57 23.16 29.09
N THR C 327 19.33 22.67 28.10
CA THR C 327 19.82 21.29 28.16
C THR C 327 20.86 21.11 29.26
N LYS C 328 21.77 22.06 29.41
CA LYS C 328 22.77 21.97 30.48
C LYS C 328 22.12 22.04 31.85
N ASN C 329 21.11 22.90 32.02
CA ASN C 329 20.36 22.96 33.28
C ASN C 329 19.73 21.60 33.63
N ILE C 330 19.12 20.93 32.65
CA ILE C 330 18.48 19.64 32.92
C ILE C 330 19.51 18.59 33.28
N LEU C 331 20.62 18.55 32.52
CA LEU C 331 21.66 17.55 32.75
C LEU C 331 22.27 17.70 34.13
N GLU C 332 22.41 18.93 34.61
CA GLU C 332 23.02 19.15 35.92
C GLU C 332 22.09 18.73 37.04
N SER C 333 20.79 19.02 36.93
CA SER C 333 19.82 18.52 37.92
C SER C 333 19.93 17.00 38.06
N PHE C 334 20.20 16.30 36.96
CA PHE C 334 20.40 14.86 37.01
C PHE C 334 21.75 14.52 37.65
N PHE C 335 22.84 15.08 37.12
CA PHE C 335 24.18 14.74 37.61
C PHE C 335 24.30 14.92 39.12
N THR C 336 23.75 16.00 39.66
CA THR C 336 23.91 16.31 41.08
C THR C 336 23.05 15.44 41.98
N GLY C 337 22.07 14.73 41.42
CA GLY C 337 21.11 14.05 42.26
C GLY C 337 20.14 14.95 42.99
N LYS C 338 20.15 16.25 42.71
CA LYS C 338 19.10 17.12 43.22
C LYS C 338 17.76 16.80 42.56
N PHE C 339 17.76 16.53 41.26
CA PHE C 339 16.55 16.30 40.48
C PHE C 339 15.55 17.46 40.63
N ASP C 340 16.10 18.68 40.74
CA ASP C 340 15.30 19.89 40.88
C ASP C 340 14.91 20.46 39.51
N TYR C 341 14.14 19.66 38.76
CA TYR C 341 13.73 20.07 37.43
C TYR C 341 12.68 21.18 37.48
N ARG C 342 12.64 21.99 36.42
CA ARG C 342 11.53 22.93 36.29
C ARG C 342 10.25 22.13 36.10
N PRO C 343 9.19 22.40 36.87
CA PRO C 343 7.95 21.59 36.74
C PRO C 343 7.44 21.51 35.31
N GLN C 344 7.49 22.62 34.57
CA GLN C 344 6.93 22.62 33.22
C GLN C 344 7.73 21.76 32.26
N ASP C 345 9.01 21.48 32.57
CA ASP C 345 9.89 20.71 31.70
C ASP C 345 9.65 19.21 31.77
N ILE C 346 9.01 18.71 32.83
CA ILE C 346 8.82 17.27 33.03
C ILE C 346 7.69 16.78 32.12
N ILE C 347 7.98 15.81 31.26
CA ILE C 347 6.89 15.07 30.62
C ILE C 347 6.79 13.63 31.10
N LEU C 348 7.81 13.10 31.77
CA LEU C 348 7.74 11.78 32.41
C LEU C 348 8.82 11.73 33.49
N LEU C 349 8.43 11.46 34.74
CA LEU C 349 9.38 11.34 35.85
C LEU C 349 9.41 9.87 36.28
N ASN C 350 10.42 9.14 35.81
CA ASN C 350 10.54 7.70 36.01
C ASN C 350 9.28 6.98 35.56
N GLY C 351 8.99 7.09 34.26
CA GLY C 351 7.86 6.42 33.63
C GLY C 351 6.47 6.81 34.10
N GLU C 352 6.34 7.89 34.86
CA GLU C 352 5.06 8.32 35.39
C GLU C 352 4.72 9.74 34.97
N TYR C 353 3.43 9.99 34.70
CA TYR C 353 2.94 11.34 34.51
C TYR C 353 2.70 12.01 35.86
N VAL C 354 2.68 13.35 35.84
CA VAL C 354 2.69 14.16 37.05
C VAL C 354 1.29 14.72 37.30
N THR C 355 1.02 15.03 38.57
CA THR C 355 -0.21 15.68 39.08
C THR C 355 -1.33 14.66 39.23
N SER D 18 -0.68 -4.97 -2.71
CA SER D 18 0.29 -5.95 -2.19
C SER D 18 -0.28 -7.38 -2.15
N PRO D 19 0.56 -8.37 -2.53
CA PRO D 19 0.07 -9.76 -2.60
C PRO D 19 -0.59 -10.27 -1.34
N GLY D 20 -0.08 -9.92 -0.15
CA GLY D 20 -0.74 -10.32 1.07
C GLY D 20 -2.11 -9.68 1.25
N GLU D 21 -2.27 -8.45 0.76
CA GLU D 21 -3.57 -7.79 0.86
C GLU D 21 -4.55 -8.38 -0.15
N LEU D 22 -4.10 -8.60 -1.38
CA LEU D 22 -4.93 -9.27 -2.38
C LEU D 22 -5.44 -10.60 -1.85
N ASP D 23 -4.57 -11.36 -1.18
CA ASP D 23 -4.96 -12.67 -0.65
C ASP D 23 -6.08 -12.57 0.39
N ARG D 24 -6.02 -11.58 1.30
CA ARG D 24 -7.04 -11.46 2.33
C ARG D 24 -8.37 -11.01 1.74
N ILE D 25 -8.35 -10.20 0.67
CA ILE D 25 -9.58 -9.79 0.01
C ILE D 25 -10.21 -10.98 -0.72
N LYS D 26 -9.39 -11.74 -1.46
CA LYS D 26 -9.92 -12.89 -2.18
C LYS D 26 -10.54 -13.91 -1.24
N ALA D 27 -10.02 -14.03 -0.02
CA ALA D 27 -10.63 -14.94 0.95
C ALA D 27 -12.07 -14.53 1.27
N PHE D 28 -12.33 -13.22 1.38
CA PHE D 28 -13.67 -12.73 1.66
C PHE D 28 -14.64 -13.04 0.51
N VAL D 29 -14.10 -13.11 -0.71
CA VAL D 29 -14.91 -13.24 -1.92
C VAL D 29 -15.19 -14.71 -2.28
N THR D 30 -14.28 -15.62 -1.91
CA THR D 30 -14.13 -16.93 -2.52
C THR D 30 -14.15 -18.08 -1.51
N SER D 31 -13.76 -17.79 -0.26
CA SER D 31 -13.51 -18.87 0.69
C SER D 31 -14.52 -18.74 1.83
N GLY D 32 -14.07 -18.68 3.09
CA GLY D 32 -14.96 -18.65 4.24
C GLY D 32 -16.01 -17.56 4.20
N GLU D 33 -17.15 -17.81 4.84
CA GLU D 33 -18.25 -16.87 4.90
C GLU D 33 -18.50 -16.34 6.31
N SER D 34 -17.59 -16.59 7.25
CA SER D 34 -17.84 -16.08 8.60
C SER D 34 -17.70 -14.57 8.65
N ARG D 35 -16.77 -13.99 7.87
CA ARG D 35 -16.62 -12.53 7.87
C ARG D 35 -17.86 -11.87 7.32
N LEU D 36 -18.46 -12.46 6.29
CA LEU D 36 -19.71 -11.95 5.73
C LEU D 36 -20.85 -12.00 6.76
N ARG D 37 -20.95 -13.10 7.53
CA ARG D 37 -22.02 -13.21 8.53
C ARG D 37 -21.84 -12.21 9.67
N ILE D 38 -20.60 -12.04 10.15
CA ILE D 38 -20.34 -11.06 11.20
C ILE D 38 -20.73 -9.67 10.73
N ALA D 39 -20.31 -9.29 9.51
CA ALA D 39 -20.67 -7.99 8.97
C ALA D 39 -22.19 -7.83 8.81
N GLU D 40 -22.90 -8.90 8.42
CA GLU D 40 -24.34 -8.80 8.31
C GLU D 40 -24.98 -8.37 9.64
N THR D 41 -24.53 -8.95 10.76
CA THR D 41 -25.08 -8.63 12.07
C THR D 41 -24.70 -7.23 12.53
N LEU D 42 -23.44 -6.82 12.34
CA LEU D 42 -23.00 -5.53 12.85
C LEU D 42 -23.67 -4.36 12.12
N THR D 43 -23.92 -4.51 10.82
CA THR D 43 -24.63 -3.45 10.10
C THR D 43 -26.14 -3.54 10.35
N GLY D 44 -26.67 -4.77 10.39
CA GLY D 44 -28.12 -4.95 10.44
C GLY D 44 -28.77 -4.51 11.73
N SER D 45 -28.09 -4.68 12.86
CA SER D 45 -28.67 -4.20 14.12
C SER D 45 -27.72 -3.28 14.86
N ARG D 46 -27.07 -2.36 14.14
CA ARG D 46 -26.07 -1.52 14.82
C ARG D 46 -26.73 -0.52 15.76
N GLU D 47 -27.94 -0.05 15.45
CA GLU D 47 -28.62 0.88 16.35
C GLU D 47 -29.03 0.19 17.65
N ARG D 48 -29.51 -1.05 17.57
CA ARG D 48 -29.86 -1.78 18.80
C ARG D 48 -28.62 -2.07 19.65
N ILE D 49 -27.48 -2.35 19.00
CA ILE D 49 -26.25 -2.64 19.73
C ILE D 49 -25.77 -1.43 20.54
N ILE D 50 -25.84 -0.23 19.94
CA ILE D 50 -25.38 0.96 20.65
C ILE D 50 -26.36 1.34 21.77
N LYS D 51 -27.66 1.29 21.48
CA LYS D 51 -28.65 1.69 22.49
C LYS D 51 -28.61 0.76 23.70
N SER D 52 -28.58 -0.54 23.45
CA SER D 52 -28.53 -1.51 24.54
C SER D 52 -27.21 -1.43 25.30
N ALA D 53 -26.08 -1.23 24.60
CA ALA D 53 -24.80 -1.19 25.30
C ALA D 53 -24.65 0.10 26.12
N GLY D 54 -25.16 1.21 25.60
CA GLY D 54 -25.12 2.45 26.36
C GLY D 54 -25.86 2.36 27.68
N ASP D 55 -27.05 1.76 27.69
CA ASP D 55 -27.79 1.56 28.94
C ASP D 55 -26.96 0.83 29.96
N ALA D 56 -26.30 -0.25 29.54
CA ALA D 56 -25.47 -1.04 30.44
C ALA D 56 -24.23 -0.27 30.92
N LEU D 57 -23.66 0.56 30.04
CA LEU D 57 -22.48 1.33 30.44
C LEU D 57 -22.80 2.29 31.59
N PHE D 58 -23.88 3.06 31.44
CA PHE D 58 -24.26 4.06 32.43
C PHE D 58 -24.77 3.44 33.72
N GLN D 59 -25.23 2.18 33.71
CA GLN D 59 -25.53 1.52 34.98
C GLN D 59 -24.27 1.08 35.71
N LYS D 60 -23.21 0.75 35.00
CA LYS D 60 -21.96 0.35 35.65
C LYS D 60 -21.06 1.52 36.00
N ARG D 61 -21.21 2.67 35.33
CA ARG D 61 -20.41 3.86 35.58
C ARG D 61 -21.31 5.09 35.70
N PRO D 62 -22.13 5.17 36.78
CA PRO D 62 -22.99 6.36 36.93
C PRO D 62 -22.22 7.69 36.95
N ASP D 63 -21.50 8.02 35.87
CA ASP D 63 -20.77 9.29 35.70
C ASP D 63 -21.33 10.04 34.49
N VAL D 64 -22.62 9.81 34.32
CA VAL D 64 -23.59 10.77 33.86
C VAL D 64 -24.15 11.60 35.03
N VAL D 65 -23.49 11.58 36.17
CA VAL D 65 -23.98 12.33 37.32
C VAL D 65 -23.39 13.74 37.29
N SER D 66 -24.01 14.64 38.06
CA SER D 66 -23.66 16.07 38.06
C SER D 66 -22.16 16.37 38.12
N PRO D 67 -21.36 15.77 39.01
CA PRO D 67 -20.01 16.25 39.26
C PRO D 67 -19.11 16.39 38.04
N GLY D 68 -18.00 15.65 38.10
CA GLY D 68 -17.14 15.54 36.94
C GLY D 68 -18.10 15.40 35.80
N GLY D 69 -18.90 14.33 35.85
CA GLY D 69 -19.65 13.83 34.72
C GLY D 69 -19.16 14.40 33.41
N ASN D 70 -18.11 13.82 32.83
CA ASN D 70 -17.71 14.19 31.47
C ASN D 70 -18.86 14.06 30.48
N ALA D 71 -19.81 13.15 30.73
CA ALA D 71 -20.96 12.96 29.85
C ALA D 71 -22.27 13.47 30.47
N TYR D 72 -22.21 14.47 31.35
CA TYR D 72 -23.35 14.84 32.19
C TYR D 72 -24.56 15.31 31.39
N GLY D 73 -24.39 16.26 30.48
CA GLY D 73 -25.57 16.77 29.76
C GLY D 73 -26.34 15.72 28.91
N GLU D 74 -27.54 16.13 28.48
CA GLU D 74 -28.19 15.46 27.34
C GLU D 74 -27.33 15.56 26.08
N GLU D 75 -26.65 16.70 25.90
CA GLU D 75 -25.81 16.90 24.73
C GLU D 75 -24.52 16.07 24.82
N MET D 76 -23.91 16.02 26.01
CA MET D 76 -22.67 15.26 26.17
C MET D 76 -22.92 13.76 26.15
N THR D 77 -24.08 13.32 26.64
CA THR D 77 -24.44 11.92 26.53
C THR D 77 -24.58 11.49 25.06
N ALA D 78 -25.16 12.36 24.23
CA ALA D 78 -25.26 12.06 22.81
C ALA D 78 -23.89 12.05 22.13
N THR D 79 -22.94 12.87 22.59
CA THR D 79 -21.58 12.81 22.04
C THR D 79 -20.91 11.48 22.39
N CYS D 80 -21.11 11.00 23.62
CA CYS D 80 -20.57 9.70 24.02
C CYS D 80 -21.10 8.58 23.12
N LEU D 81 -22.42 8.54 22.88
CA LEU D 81 -22.97 7.47 22.05
C LEU D 81 -22.49 7.58 20.60
N ARG D 82 -22.15 8.79 20.15
CA ARG D 82 -21.56 8.98 18.83
C ARG D 82 -20.20 8.30 18.73
N ASP D 83 -19.35 8.48 19.75
CA ASP D 83 -18.04 7.82 19.77
C ASP D 83 -18.19 6.30 19.76
N MET D 84 -19.17 5.77 20.49
CA MET D 84 -19.43 4.33 20.46
C MET D 84 -19.77 3.87 19.03
N ASP D 85 -20.58 4.66 18.31
CA ASP D 85 -20.88 4.35 16.92
C ASP D 85 -19.60 4.37 16.06
N TYR D 86 -18.67 5.28 16.37
CA TYR D 86 -17.40 5.36 15.60
C TYR D 86 -16.64 4.04 15.69
N TYR D 87 -16.46 3.53 16.92
CA TYR D 87 -15.70 2.30 17.09
C TYR D 87 -16.42 1.08 16.50
N LEU D 88 -17.76 1.04 16.54
CA LEU D 88 -18.45 -0.10 15.95
C LEU D 88 -18.30 -0.11 14.42
N ARG D 89 -18.42 1.06 13.79
CA ARG D 89 -18.17 1.15 12.35
C ARG D 89 -16.72 0.83 12.01
N LEU D 90 -15.77 1.18 12.89
CA LEU D 90 -14.38 0.89 12.61
C LEU D 90 -14.06 -0.60 12.74
N ILE D 91 -14.60 -1.26 13.76
CA ILE D 91 -14.45 -2.71 13.92
C ILE D 91 -15.11 -3.45 12.74
N THR D 92 -16.25 -2.95 12.26
CA THR D 92 -16.89 -3.54 11.08
C THR D 92 -15.97 -3.51 9.86
N TYR D 93 -15.30 -2.37 9.63
CA TYR D 93 -14.35 -2.27 8.52
C TYR D 93 -13.25 -3.31 8.68
N GLY D 94 -12.69 -3.43 9.89
CA GLY D 94 -11.64 -4.40 10.14
C GLY D 94 -12.05 -5.84 9.83
N VAL D 95 -13.27 -6.21 10.22
CA VAL D 95 -13.78 -7.57 9.93
C VAL D 95 -13.85 -7.79 8.43
N VAL D 96 -14.42 -6.83 7.68
CA VAL D 96 -14.50 -6.98 6.23
C VAL D 96 -13.12 -7.10 5.60
N ALA D 97 -12.15 -6.31 6.09
CA ALA D 97 -10.82 -6.38 5.53
C ALA D 97 -10.05 -7.56 6.13
N GLY D 98 -8.84 -7.73 5.66
CA GLY D 98 -7.95 -8.67 6.34
C GLY D 98 -7.92 -8.58 7.87
N ASP D 99 -7.89 -7.37 8.45
CA ASP D 99 -7.07 -7.25 9.65
C ASP D 99 -7.28 -5.97 10.46
N VAL D 100 -6.49 -5.87 11.53
CA VAL D 100 -6.62 -4.83 12.55
C VAL D 100 -5.80 -3.58 12.25
N THR D 101 -4.98 -3.59 11.19
CA THR D 101 -4.17 -2.42 10.84
C THR D 101 -4.99 -1.14 10.67
N PRO D 102 -6.12 -1.13 9.95
CA PRO D 102 -6.87 0.13 9.85
C PRO D 102 -7.44 0.58 11.18
N ILE D 103 -7.70 -0.36 12.11
CA ILE D 103 -8.19 0.02 13.42
C ILE D 103 -7.13 0.79 14.19
N GLU D 104 -5.88 0.31 14.14
CA GLU D 104 -4.81 0.98 14.85
C GLU D 104 -4.57 2.39 14.33
N GLU D 105 -4.49 2.55 13.01
CA GLU D 105 -4.03 3.81 12.42
C GLU D 105 -5.12 4.90 12.43
N ILE D 106 -6.38 4.58 12.66
CA ILE D 106 -7.45 5.57 12.60
C ILE D 106 -8.08 5.83 13.97
N GLY D 107 -8.21 4.78 14.78
CA GLY D 107 -8.91 4.90 16.05
C GLY D 107 -8.05 4.90 17.30
N LEU D 108 -6.76 4.59 17.19
CA LEU D 108 -5.92 4.39 18.38
C LEU D 108 -4.67 5.25 18.46
N VAL D 109 -4.40 6.10 17.46
CA VAL D 109 -3.17 6.89 17.32
C VAL D 109 -2.73 7.50 18.63
N GLY D 110 -3.22 8.67 18.95
CA GLY D 110 -2.79 9.18 20.25
C GLY D 110 -3.94 9.16 21.23
N VAL D 111 -4.66 8.04 21.30
CA VAL D 111 -6.02 8.09 21.87
C VAL D 111 -5.98 8.36 23.36
N ARG D 112 -4.96 7.87 24.08
CA ARG D 112 -4.90 8.11 25.52
C ARG D 112 -4.70 9.59 25.83
N GLU D 113 -3.77 10.26 25.14
CA GLU D 113 -3.53 11.68 25.36
C GLU D 113 -4.70 12.53 24.89
N MET D 114 -5.39 12.11 23.81
CA MET D 114 -6.55 12.84 23.30
C MET D 114 -7.69 12.86 24.32
N TYR D 115 -8.11 11.69 24.79
CA TYR D 115 -9.20 11.65 25.75
C TYR D 115 -8.79 12.32 27.07
N LYS D 116 -7.53 12.20 27.47
CA LYS D 116 -7.06 12.88 28.66
C LYS D 116 -7.25 14.40 28.56
N SER D 117 -6.91 14.99 27.40
CA SER D 117 -7.13 16.43 27.24
C SER D 117 -8.60 16.82 27.24
N LEU D 118 -9.51 15.86 26.97
CA LEU D 118 -10.95 16.14 26.98
C LEU D 118 -11.58 15.96 28.36
N GLY D 119 -10.88 15.38 29.33
CA GLY D 119 -11.49 15.08 30.61
C GLY D 119 -12.25 13.78 30.66
N THR D 120 -12.15 12.94 29.65
CA THR D 120 -12.99 11.75 29.71
C THR D 120 -12.17 10.54 30.14
N PRO D 121 -12.63 9.77 31.13
CA PRO D 121 -11.81 8.65 31.67
C PRO D 121 -11.66 7.53 30.66
N VAL D 122 -10.40 7.19 30.36
CA VAL D 122 -10.08 6.24 29.30
C VAL D 122 -10.64 4.86 29.61
N ASP D 123 -10.50 4.41 30.85
CA ASP D 123 -11.01 3.10 31.22
C ASP D 123 -12.54 3.00 31.11
N ALA D 124 -13.25 4.14 31.09
CA ALA D 124 -14.68 4.07 30.84
C ALA D 124 -14.99 3.87 29.35
N VAL D 125 -14.14 4.42 28.46
CA VAL D 125 -14.30 4.14 27.03
C VAL D 125 -14.06 2.66 26.75
N ALA D 126 -13.03 2.07 27.37
CA ALA D 126 -12.82 0.63 27.27
C ALA D 126 -14.08 -0.15 27.70
N GLN D 127 -14.68 0.23 28.83
CA GLN D 127 -15.89 -0.43 29.31
C GLN D 127 -17.03 -0.34 28.29
N ALA D 128 -17.15 0.79 27.60
CA ALA D 128 -18.17 0.91 26.56
C ALA D 128 -17.95 -0.11 25.43
N VAL D 129 -16.69 -0.36 25.05
CA VAL D 129 -16.42 -1.34 24.00
C VAL D 129 -16.66 -2.75 24.52
N ARG D 130 -16.41 -3.00 25.82
CA ARG D 130 -16.77 -4.30 26.41
C ARG D 130 -18.27 -4.53 26.33
N GLU D 131 -19.08 -3.48 26.54
CA GLU D 131 -20.53 -3.64 26.53
C GLU D 131 -21.04 -3.88 25.11
N MET D 132 -20.44 -3.21 24.11
CA MET D 132 -20.79 -3.49 22.73
C MET D 132 -20.39 -4.90 22.33
N LYS D 133 -19.28 -5.39 22.87
CA LYS D 133 -18.86 -6.76 22.56
C LYS D 133 -19.91 -7.76 23.02
N ALA D 134 -20.44 -7.59 24.23
CA ALA D 134 -21.39 -8.58 24.78
C ALA D 134 -22.68 -8.63 23.96
N VAL D 135 -23.27 -7.47 23.64
CA VAL D 135 -24.52 -7.46 22.89
C VAL D 135 -24.33 -8.06 21.49
N ALA D 136 -23.31 -7.58 20.74
CA ALA D 136 -23.12 -8.03 19.36
C ALA D 136 -22.85 -9.53 19.30
N THR D 137 -21.92 -9.99 20.14
CA THR D 137 -21.53 -11.39 20.19
C THR D 137 -22.70 -12.31 20.56
N GLY D 138 -23.63 -11.82 21.39
CA GLY D 138 -24.78 -12.65 21.76
C GLY D 138 -25.72 -12.94 20.61
N MET D 139 -25.60 -12.21 19.51
CA MET D 139 -26.48 -12.41 18.36
C MET D 139 -25.87 -13.32 17.31
N MET D 140 -24.73 -13.93 17.60
CA MET D 140 -23.92 -14.66 16.63
C MET D 140 -23.81 -16.12 17.05
N SER D 141 -23.42 -16.97 16.10
CA SER D 141 -23.11 -18.36 16.43
C SER D 141 -21.90 -18.41 17.34
N GLY D 142 -21.73 -19.55 18.01
CA GLY D 142 -20.58 -19.72 18.88
C GLY D 142 -19.25 -19.48 18.18
N ASP D 143 -19.10 -19.99 16.95
CA ASP D 143 -17.84 -19.83 16.23
C ASP D 143 -17.65 -18.41 15.73
N ASP D 144 -18.69 -17.83 15.13
CA ASP D 144 -18.59 -16.44 14.66
C ASP D 144 -18.29 -15.49 15.84
N ALA D 145 -18.85 -15.77 17.02
CA ALA D 145 -18.62 -14.91 18.18
C ALA D 145 -17.17 -14.95 18.66
N ALA D 146 -16.51 -16.09 18.52
CA ALA D 146 -15.09 -16.13 18.87
C ALA D 146 -14.27 -15.28 17.90
N GLU D 147 -14.56 -15.37 16.60
CA GLU D 147 -13.79 -14.63 15.62
C GLU D 147 -14.02 -13.13 15.76
N ALA D 148 -15.29 -12.72 15.82
CA ALA D 148 -15.60 -11.30 16.04
C ALA D 148 -14.97 -10.78 17.33
N GLY D 149 -14.98 -11.61 18.38
CA GLY D 149 -14.52 -11.13 19.68
C GLY D 149 -13.07 -10.64 19.69
N ALA D 150 -12.22 -11.21 18.85
CA ALA D 150 -10.82 -10.79 18.82
C ALA D 150 -10.65 -9.36 18.36
N TYR D 151 -11.52 -8.89 17.46
CA TYR D 151 -11.44 -7.51 16.99
C TYR D 151 -11.83 -6.52 18.10
N PHE D 152 -12.93 -6.80 18.83
CA PHE D 152 -13.29 -5.97 19.97
C PHE D 152 -12.16 -5.92 21.00
N ASP D 153 -11.52 -7.07 21.25
CA ASP D 153 -10.44 -7.12 22.24
C ASP D 153 -9.26 -6.23 21.85
N TYR D 154 -8.97 -6.12 20.55
CA TYR D 154 -7.86 -5.29 20.10
C TYR D 154 -8.07 -3.82 20.50
N VAL D 155 -9.32 -3.35 20.49
CA VAL D 155 -9.61 -1.98 20.92
C VAL D 155 -9.53 -1.88 22.44
N ILE D 156 -10.13 -2.84 23.14
CA ILE D 156 -10.17 -2.80 24.61
C ILE D 156 -8.76 -2.77 25.18
N GLY D 157 -7.83 -3.50 24.57
CA GLY D 157 -6.48 -3.58 25.10
C GLY D 157 -5.70 -2.29 24.99
N ALA D 158 -6.03 -1.44 24.02
CA ALA D 158 -5.34 -0.18 23.87
C ALA D 158 -5.80 0.88 24.86
N MET D 159 -6.96 0.68 25.50
CA MET D 159 -7.54 1.67 26.40
C MET D 159 -7.59 1.23 27.84
N GLU D 160 -7.41 -0.05 28.10
CA GLU D 160 -7.22 -0.51 29.46
C GLU D 160 -5.79 -0.99 29.57
CHA CYC E . -16.01 -21.97 -14.19
NA CYC E . -15.47 -19.78 -13.18
C1A CYC E . -15.12 -21.05 -13.60
C2A CYC E . -13.70 -21.26 -13.32
C3A CYC E . -13.24 -20.09 -12.74
C4A CYC E . -14.38 -19.19 -12.66
CMA CYC E . -11.83 -19.82 -12.31
CAA CYC E . -12.87 -22.49 -13.60
CBA CYC E . -12.30 -23.16 -12.35
CGA CYC E . -13.36 -23.56 -11.28
O1A CYC E . -14.43 -24.06 -11.66
O2A CYC E . -13.04 -23.36 -10.10
CHB CYC E . -14.38 -17.82 -12.13
NB CYC E . -12.84 -17.85 -10.21
C1B CYC E . -13.64 -17.22 -11.14
C2B CYC E . -13.49 -15.77 -10.85
C3B CYC E . -12.66 -15.62 -9.80
C4B CYC E . -12.23 -16.96 -9.36
CMB CYC E . -14.17 -14.66 -11.60
CAB CYC E . -12.20 -14.38 -9.12
CBB CYC E . -13.11 -14.04 -7.94
OB CYC E . -11.48 -17.26 -8.44
NC CYC E . -21.65 -20.33 -17.32
C1C CYC E . -22.63 -19.79 -18.13
C2C CYC E . -23.17 -18.57 -17.42
C3C CYC E . -22.23 -18.36 -16.23
C4C CYC E . -21.41 -19.65 -16.12
CMC CYC E . -23.36 -17.38 -18.36
CAC CYC E . -22.96 -17.96 -14.94
CBC CYC E . -23.31 -16.47 -14.91
OC CYC E . -22.96 -20.24 -19.21
CHD CYC E . -20.39 -19.87 -15.24
ND CYC E . -18.12 -20.70 -14.63
C1D CYC E . -19.37 -20.90 -15.14
C2D CYC E . -19.44 -22.27 -15.52
C3D CYC E . -18.19 -22.86 -15.22
C4D CYC E . -17.35 -21.85 -14.65
CMD CYC E . -20.62 -22.98 -16.11
CAD CYC E . -17.83 -24.29 -15.46
CBD CYC E . -17.50 -24.51 -16.95
CGD CYC E . -17.08 -25.94 -17.40
O1D CYC E . -16.32 -26.61 -16.67
O2D CYC E . -17.54 -26.31 -18.50
CHA CYC F . -15.36 14.21 22.37
NA CYC F . -14.44 12.38 21.00
C1A CYC F . -14.55 13.72 21.34
C2A CYC F . -13.69 14.50 20.45
C3A CYC F . -13.07 13.60 19.60
C4A CYC F . -13.58 12.28 19.98
CMA CYC F . -12.08 13.94 18.52
CAA CYC F . -13.50 15.97 20.46
CBA CYC F . -13.90 16.69 19.17
CGA CYC F . -15.36 16.46 18.67
O1A CYC F . -15.54 16.35 17.45
O2A CYC F . -16.25 16.42 19.53
CHB CYC F . -13.23 11.01 19.36
NB CYC F . -12.99 11.51 16.95
C1B CYC F . -12.86 10.71 18.07
C2B CYC F . -12.25 9.45 17.57
C3B CYC F . -12.04 9.57 16.24
C4B CYC F . -12.52 10.90 15.80
CMB CYC F . -11.93 8.28 18.43
CAB CYC F . -11.45 8.59 15.27
CBB CYC F . -12.50 7.67 14.67
OB CYC F . -12.51 11.40 14.68
NC CYC F . -17.51 10.64 27.54
C1C CYC F . -17.71 9.84 28.64
C2C CYC F . -17.92 8.43 28.14
C3C CYC F . -17.63 8.50 26.63
C4C CYC F . -17.57 10.00 26.31
CMC CYC F . -17.11 7.40 28.94
CAC CYC F . -18.64 7.72 25.78
CBC CYC F . -18.31 6.23 25.74
OC CYC F . -17.70 10.22 29.79
CHD CYC F . -17.30 10.55 25.08
ND CYC F . -16.22 12.23 23.60
C1D CYC F . -17.03 11.91 24.64
C2D CYC F . -17.52 13.15 25.16
C3D CYC F . -16.97 14.17 24.39
C4D CYC F . -16.13 13.60 23.40
CMD CYC F . -18.47 13.34 26.31
CAD CYC F . -17.22 15.64 24.62
CBD CYC F . -16.32 16.16 25.75
CGD CYC F . -16.42 17.64 26.16
O1D CYC F . -16.50 18.51 25.27
O2D CYC F . -16.41 17.88 27.39
#